data_1APQ
#
_entry.id   1APQ
#
_cell.length_a   1.000
_cell.length_b   1.000
_cell.length_c   1.000
_cell.angle_alpha   90.00
_cell.angle_beta   90.00
_cell.angle_gamma   90.00
#
_symmetry.space_group_name_H-M   'P 1'
#
_entity_poly.entity_id   1
_entity_poly.type   'polypeptide(L)'
_entity_poly.pdbx_seq_one_letter_code
;AVDLDECASRSKSGEEDPQPQCQHLCHNYVGGYFCSCRPGYELQEDRHSCQAE
;
_entity_poly.pdbx_strand_id   A
#
# COMPACT_ATOMS: atom_id res chain seq x y z
N ALA A 1 13.08 10.92 8.08
CA ALA A 1 13.81 10.85 9.36
C ALA A 1 14.62 9.56 9.32
N VAL A 2 14.77 8.84 10.43
CA VAL A 2 15.42 7.53 10.42
C VAL A 2 14.64 6.64 9.44
N ASP A 3 13.31 6.76 9.50
CA ASP A 3 12.36 6.14 8.58
C ASP A 3 11.61 7.28 7.88
N LEU A 4 10.70 6.94 6.97
CA LEU A 4 9.91 7.88 6.20
C LEU A 4 8.62 7.21 5.72
N ASP A 5 7.67 7.98 5.19
CA ASP A 5 6.42 7.45 4.71
C ASP A 5 6.66 6.79 3.36
N GLU A 6 7.14 5.54 3.39
CA GLU A 6 7.41 4.77 2.18
C GLU A 6 6.16 4.59 1.32
N CYS A 7 4.96 4.72 1.89
CA CYS A 7 3.72 4.74 1.10
C CYS A 7 3.82 5.80 -0.01
N ALA A 8 4.47 6.93 0.31
CA ALA A 8 4.70 8.01 -0.62
C ALA A 8 6.07 7.84 -1.28
N SER A 9 7.09 7.66 -0.44
CA SER A 9 8.50 7.64 -0.80
C SER A 9 8.94 6.34 -1.50
N ARG A 10 8.23 5.90 -2.54
CA ARG A 10 8.57 4.70 -3.29
C ARG A 10 9.67 5.04 -4.30
N SER A 11 10.81 5.55 -3.80
CA SER A 11 11.90 6.04 -4.64
C SER A 11 11.33 7.06 -5.62
N LYS A 12 11.92 7.18 -6.81
CA LYS A 12 11.43 8.06 -7.87
C LYS A 12 10.25 7.38 -8.56
N SER A 13 9.19 7.06 -7.80
CA SER A 13 8.01 6.35 -8.29
C SER A 13 8.43 5.05 -8.97
N GLY A 14 9.24 4.25 -8.27
CA GLY A 14 9.82 3.03 -8.79
C GLY A 14 8.83 1.86 -8.87
N GLU A 15 7.66 2.05 -9.50
CA GLU A 15 6.66 1.00 -9.65
C GLU A 15 7.03 0.11 -10.84
N GLU A 16 8.27 -0.39 -10.85
CA GLU A 16 8.78 -1.27 -11.88
C GLU A 16 8.30 -2.68 -11.59
N ASP A 17 6.98 -2.87 -11.63
CA ASP A 17 6.31 -4.12 -11.29
C ASP A 17 4.86 -3.97 -11.76
N PRO A 18 4.39 -4.80 -12.69
CA PRO A 18 3.05 -4.64 -13.26
C PRO A 18 1.98 -5.19 -12.31
N GLN A 19 1.78 -4.49 -11.18
CA GLN A 19 0.76 -4.77 -10.18
C GLN A 19 0.30 -3.42 -9.63
N PRO A 20 -0.93 -3.31 -9.08
CA PRO A 20 -1.39 -2.08 -8.48
C PRO A 20 -0.75 -1.95 -7.10
N GLN A 21 0.41 -1.28 -6.99
CA GLN A 21 1.08 -1.14 -5.71
C GLN A 21 0.19 -0.44 -4.68
N CYS A 22 -0.38 -1.22 -3.76
CA CYS A 22 -1.20 -0.73 -2.65
C CYS A 22 -2.57 -0.27 -3.15
N GLN A 23 -3.24 -1.17 -3.88
CA GLN A 23 -4.52 -1.00 -4.52
C GLN A 23 -5.54 -0.17 -3.72
N HIS A 24 -5.69 -0.46 -2.43
CA HIS A 24 -6.65 0.22 -1.56
C HIS A 24 -5.95 1.26 -0.69
N LEU A 25 -5.37 0.87 0.46
CA LEU A 25 -4.74 1.85 1.35
C LEU A 25 -3.48 1.33 2.02
N CYS A 26 -2.59 2.26 2.39
CA CYS A 26 -1.31 2.02 3.03
C CYS A 26 -1.42 2.12 4.56
N HIS A 27 -0.32 1.77 5.22
CA HIS A 27 -0.04 1.96 6.63
C HIS A 27 1.47 2.14 6.72
N ASN A 28 1.95 3.30 7.17
CA ASN A 28 3.38 3.57 7.30
C ASN A 28 3.81 3.18 8.71
N TYR A 29 5.04 2.67 8.87
CA TYR A 29 5.54 2.20 10.15
C TYR A 29 7.05 2.01 10.09
N VAL A 30 7.65 1.54 11.19
CA VAL A 30 9.07 1.24 11.21
C VAL A 30 9.35 0.11 10.22
N GLY A 31 10.42 0.25 9.45
CA GLY A 31 10.71 -0.66 8.36
C GLY A 31 10.15 -0.08 7.07
N GLY A 32 9.25 0.92 7.15
CA GLY A 32 8.74 1.60 5.96
C GLY A 32 7.22 1.70 5.93
N TYR A 33 6.59 0.76 5.23
CA TYR A 33 5.15 0.73 5.10
C TYR A 33 4.66 -0.67 4.71
N PHE A 34 3.35 -0.82 4.81
CA PHE A 34 2.58 -1.96 4.38
C PHE A 34 1.25 -1.39 3.91
N CYS A 35 0.31 -2.27 3.60
CA CYS A 35 -0.98 -1.94 3.05
C CYS A 35 -2.06 -2.79 3.69
N SER A 36 -3.31 -2.43 3.41
CA SER A 36 -4.50 -3.14 3.81
C SER A 36 -5.57 -2.80 2.79
N CYS A 37 -6.81 -3.15 3.11
CA CYS A 37 -7.92 -3.04 2.17
C CYS A 37 -9.21 -2.66 2.85
N ARG A 38 -10.17 -2.20 2.05
CA ARG A 38 -11.53 -1.94 2.47
C ARG A 38 -12.10 -3.31 2.88
N PRO A 39 -12.83 -3.45 4.01
CA PRO A 39 -13.38 -4.72 4.45
C PRO A 39 -14.08 -5.50 3.34
N GLY A 40 -14.17 -6.81 3.51
CA GLY A 40 -14.70 -7.71 2.49
C GLY A 40 -13.55 -8.11 1.55
N TYR A 41 -12.78 -7.14 1.05
CA TYR A 41 -11.61 -7.41 0.25
C TYR A 41 -10.48 -7.90 1.14
N GLU A 42 -9.40 -8.39 0.52
CA GLU A 42 -8.27 -9.01 1.19
C GLU A 42 -7.02 -8.72 0.41
N LEU A 43 -5.93 -8.39 1.12
CA LEU A 43 -4.65 -8.12 0.51
C LEU A 43 -4.05 -9.46 0.11
N GLN A 44 -3.75 -9.64 -1.18
CA GLN A 44 -3.22 -10.89 -1.69
C GLN A 44 -1.77 -11.09 -1.26
N GLU A 45 -1.22 -12.27 -1.53
CA GLU A 45 0.13 -12.66 -1.19
C GLU A 45 1.21 -11.68 -1.70
N ASP A 46 0.92 -10.96 -2.77
CA ASP A 46 1.81 -9.96 -3.35
C ASP A 46 2.02 -8.78 -2.41
N ARG A 47 1.11 -8.63 -1.44
CA ARG A 47 1.08 -7.58 -0.44
C ARG A 47 1.02 -6.20 -1.06
N HIS A 48 0.15 -6.06 -2.04
CA HIS A 48 -0.07 -4.80 -2.71
C HIS A 48 -1.44 -4.75 -3.38
N SER A 49 -1.86 -5.88 -3.95
CA SER A 49 -3.15 -6.01 -4.63
C SER A 49 -4.19 -6.48 -3.62
N CYS A 50 -5.40 -5.92 -3.69
CA CYS A 50 -6.53 -6.36 -2.86
C CYS A 50 -7.57 -6.98 -3.78
N GLN A 51 -8.08 -8.15 -3.45
CA GLN A 51 -9.16 -8.78 -4.21
C GLN A 51 -10.31 -9.06 -3.28
N ALA A 52 -11.46 -9.41 -3.84
CA ALA A 52 -12.69 -9.69 -3.09
C ALA A 52 -12.72 -11.15 -2.68
N GLU A 53 -11.61 -11.58 -2.09
CA GLU A 53 -11.26 -12.92 -1.64
C GLU A 53 -9.81 -12.84 -1.18
N ALA A 1 11.18 6.03 4.60
CA ALA A 1 12.48 5.50 4.14
C ALA A 1 13.19 4.88 5.34
N VAL A 2 12.98 3.57 5.58
CA VAL A 2 13.35 2.85 6.79
C VAL A 2 12.33 3.28 7.85
N ASP A 3 12.25 4.59 8.08
CA ASP A 3 11.17 5.23 8.80
C ASP A 3 9.96 5.30 7.86
N LEU A 4 8.93 6.04 8.30
CA LEU A 4 7.73 6.31 7.53
C LEU A 4 8.05 6.97 6.18
N ASP A 5 7.00 7.15 5.36
CA ASP A 5 7.06 7.68 4.01
C ASP A 5 7.81 6.72 3.06
N GLU A 6 7.05 5.85 2.41
CA GLU A 6 7.50 4.93 1.36
C GLU A 6 6.30 4.62 0.46
N CYS A 7 5.26 4.05 1.06
CA CYS A 7 4.06 3.63 0.35
C CYS A 7 3.11 4.80 0.20
N ALA A 8 3.02 5.65 1.23
CA ALA A 8 2.23 6.87 1.17
C ALA A 8 2.61 7.66 -0.08
N SER A 9 3.92 7.75 -0.32
CA SER A 9 4.53 8.43 -1.45
C SER A 9 4.42 7.59 -2.73
N ARG A 10 4.82 6.31 -2.69
CA ARG A 10 4.87 5.42 -3.85
C ARG A 10 5.63 6.15 -4.97
N SER A 11 4.94 6.55 -6.06
CA SER A 11 5.53 7.28 -7.15
C SER A 11 5.70 8.74 -6.73
N LYS A 12 6.63 8.98 -5.81
CA LYS A 12 6.98 10.27 -5.20
C LYS A 12 5.85 10.80 -4.32
N SER A 13 4.70 11.05 -4.92
CA SER A 13 3.48 11.51 -4.27
C SER A 13 2.30 11.01 -5.10
N GLY A 14 2.24 9.69 -5.31
CA GLY A 14 1.19 9.02 -6.08
C GLY A 14 1.12 9.51 -7.52
N GLU A 15 2.26 9.92 -8.10
CA GLU A 15 2.31 10.39 -9.48
C GLU A 15 2.25 9.18 -10.41
N GLU A 16 1.03 8.65 -10.59
CA GLU A 16 0.67 7.46 -11.35
C GLU A 16 1.05 6.20 -10.57
N ASP A 17 0.33 5.10 -10.80
CA ASP A 17 0.55 3.84 -10.09
C ASP A 17 0.06 2.68 -10.96
N PRO A 18 0.81 2.29 -12.00
CA PRO A 18 0.43 1.18 -12.88
C PRO A 18 0.42 -0.11 -12.06
N GLN A 19 -0.59 -0.96 -12.26
CA GLN A 19 -0.80 -2.17 -11.46
C GLN A 19 -0.82 -1.78 -9.97
N PRO A 20 -1.78 -0.91 -9.58
CA PRO A 20 -1.97 -0.31 -8.27
C PRO A 20 -1.24 -0.98 -7.08
N GLN A 21 -0.01 -0.54 -6.80
CA GLN A 21 0.75 -1.02 -5.66
C GLN A 21 -0.07 -0.67 -4.41
N CYS A 22 -0.54 -1.70 -3.69
CA CYS A 22 -1.38 -1.56 -2.51
C CYS A 22 -2.70 -0.87 -2.88
N GLN A 23 -3.34 -1.42 -3.93
CA GLN A 23 -4.63 -1.09 -4.51
C GLN A 23 -5.47 -0.06 -3.75
N HIS A 24 -5.85 -0.37 -2.52
CA HIS A 24 -6.70 0.48 -1.69
C HIS A 24 -5.86 1.47 -0.90
N LEU A 25 -5.26 1.05 0.21
CA LEU A 25 -4.51 1.99 1.03
C LEU A 25 -3.32 1.37 1.77
N CYS A 26 -2.32 2.20 2.03
CA CYS A 26 -1.09 1.85 2.71
C CYS A 26 -1.14 2.36 4.15
N HIS A 27 -0.11 2.00 4.91
CA HIS A 27 0.25 2.56 6.20
C HIS A 27 1.77 2.59 6.14
N ASN A 28 2.40 3.55 6.80
CA ASN A 28 3.84 3.73 6.79
C ASN A 28 4.28 3.78 8.25
N TYR A 29 5.43 3.17 8.58
CA TYR A 29 5.90 3.05 9.95
C TYR A 29 7.38 2.68 9.96
N VAL A 30 7.96 2.51 11.15
CA VAL A 30 9.34 2.10 11.29
C VAL A 30 9.45 0.67 10.76
N GLY A 31 10.45 0.43 9.93
CA GLY A 31 10.57 -0.81 9.20
C GLY A 31 10.07 -0.61 7.77
N GLY A 32 9.35 0.48 7.49
CA GLY A 32 8.90 0.80 6.14
C GLY A 32 7.40 1.03 6.07
N TYR A 33 6.67 0.00 5.61
CA TYR A 33 5.25 0.12 5.38
C TYR A 33 4.51 -1.21 5.43
N PHE A 34 3.19 -1.08 5.54
CA PHE A 34 2.22 -2.14 5.42
C PHE A 34 1.06 -1.57 4.64
N CYS A 35 0.04 -2.39 4.38
CA CYS A 35 -1.11 -2.00 3.59
C CYS A 35 -2.35 -2.67 4.13
N SER A 36 -3.50 -2.20 3.66
CA SER A 36 -4.80 -2.66 4.08
C SER A 36 -5.80 -2.34 2.97
N CYS A 37 -7.04 -2.79 3.13
CA CYS A 37 -8.07 -2.65 2.11
C CYS A 37 -9.42 -2.45 2.77
N ARG A 38 -10.44 -2.12 1.97
CA ARG A 38 -11.79 -1.98 2.49
C ARG A 38 -12.25 -3.33 3.05
N PRO A 39 -13.11 -3.37 4.08
CA PRO A 39 -13.57 -4.63 4.64
C PRO A 39 -14.14 -5.54 3.55
N GLY A 40 -14.01 -6.85 3.76
CA GLY A 40 -14.43 -7.85 2.80
C GLY A 40 -13.36 -8.12 1.74
N TYR A 41 -12.45 -7.17 1.47
CA TYR A 41 -11.39 -7.36 0.49
C TYR A 41 -10.15 -7.96 1.17
N GLU A 42 -9.56 -8.98 0.54
CA GLU A 42 -8.42 -9.72 1.05
C GLU A 42 -7.19 -9.45 0.17
N LEU A 43 -6.09 -9.05 0.81
CA LEU A 43 -4.83 -8.73 0.13
C LEU A 43 -4.14 -9.98 -0.40
N GLN A 44 -3.53 -9.81 -1.57
CA GLN A 44 -2.76 -10.78 -2.34
C GLN A 44 -1.52 -10.08 -2.89
N GLU A 45 -0.84 -10.77 -3.79
CA GLU A 45 0.36 -10.33 -4.49
C GLU A 45 1.39 -9.76 -3.54
N ASP A 46 1.81 -10.62 -2.60
CA ASP A 46 2.82 -10.31 -1.61
C ASP A 46 2.31 -9.21 -0.67
N ARG A 47 0.99 -8.97 -0.69
CA ARG A 47 0.24 -8.02 0.12
C ARG A 47 0.26 -6.62 -0.52
N HIS A 48 0.06 -6.59 -1.85
CA HIS A 48 0.05 -5.36 -2.63
C HIS A 48 -1.14 -5.26 -3.58
N SER A 49 -2.07 -6.23 -3.62
CA SER A 49 -3.25 -6.13 -4.49
C SER A 49 -4.41 -6.88 -3.86
N CYS A 50 -5.60 -6.27 -3.79
CA CYS A 50 -6.78 -6.88 -3.16
C CYS A 50 -7.77 -7.48 -4.14
N GLN A 51 -8.49 -8.49 -3.64
CA GLN A 51 -9.64 -9.12 -4.28
C GLN A 51 -10.77 -9.08 -3.25
N ALA A 52 -11.98 -9.31 -3.74
CA ALA A 52 -13.17 -9.38 -2.89
C ALA A 52 -13.24 -10.81 -2.36
N GLU A 53 -13.16 -10.99 -1.04
CA GLU A 53 -13.12 -12.30 -0.40
C GLU A 53 -11.91 -13.09 -0.89
N ALA A 1 3.98 9.94 7.99
CA ALA A 1 2.89 9.50 8.86
C ALA A 1 3.47 9.27 10.25
N VAL A 2 2.95 8.30 11.03
CA VAL A 2 3.57 7.94 12.31
C VAL A 2 5.03 7.54 12.05
N ASP A 3 5.25 6.81 10.95
CA ASP A 3 6.55 6.46 10.41
C ASP A 3 6.70 7.24 9.09
N LEU A 4 7.87 7.15 8.45
CA LEU A 4 8.12 7.80 7.18
C LEU A 4 7.13 7.28 6.15
N ASP A 5 6.79 8.13 5.18
CA ASP A 5 5.80 7.82 4.16
C ASP A 5 6.42 6.92 3.09
N GLU A 6 6.79 5.70 3.48
CA GLU A 6 7.36 4.73 2.58
C GLU A 6 6.37 4.44 1.46
N CYS A 7 5.07 4.36 1.78
CA CYS A 7 4.01 4.21 0.80
C CYS A 7 4.08 5.29 -0.28
N ALA A 8 4.35 6.54 0.14
CA ALA A 8 4.44 7.68 -0.76
C ALA A 8 5.74 7.62 -1.57
N SER A 9 6.84 7.31 -0.90
CA SER A 9 8.17 7.28 -1.48
C SER A 9 8.35 6.14 -2.50
N ARG A 10 7.86 4.95 -2.18
CA ARG A 10 8.06 3.75 -2.97
C ARG A 10 6.89 3.50 -3.92
N SER A 11 7.03 3.90 -5.18
CA SER A 11 6.03 3.66 -6.23
C SER A 11 6.01 2.20 -6.67
N LYS A 12 5.84 1.26 -5.74
CA LYS A 12 5.82 -0.17 -6.03
C LYS A 12 4.53 -0.49 -6.79
N SER A 13 4.67 -1.11 -7.97
CA SER A 13 3.59 -1.55 -8.84
C SER A 13 2.31 -0.73 -8.71
N GLY A 14 2.39 0.55 -9.10
CA GLY A 14 1.28 1.48 -9.03
C GLY A 14 1.41 2.45 -10.20
N GLU A 15 0.38 3.29 -10.41
CA GLU A 15 0.27 4.25 -11.50
C GLU A 15 0.16 3.48 -12.83
N GLU A 16 1.24 2.83 -13.27
CA GLU A 16 1.23 1.93 -14.42
C GLU A 16 0.68 0.58 -13.95
N ASP A 17 -0.48 0.63 -13.30
CA ASP A 17 -1.23 -0.41 -12.62
C ASP A 17 -2.24 0.41 -11.83
N PRO A 18 -3.55 0.09 -11.86
CA PRO A 18 -4.57 0.93 -11.24
C PRO A 18 -4.61 0.80 -9.71
N GLN A 19 -3.51 1.17 -9.06
CA GLN A 19 -3.36 1.17 -7.60
C GLN A 19 -2.42 2.34 -7.26
N PRO A 20 -2.78 3.24 -6.32
CA PRO A 20 -1.95 4.38 -5.95
C PRO A 20 -0.77 3.93 -5.07
N GLN A 21 0.18 3.20 -5.65
CA GLN A 21 1.38 2.68 -4.99
C GLN A 21 1.07 1.59 -3.97
N CYS A 22 -0.21 1.26 -3.79
CA CYS A 22 -0.74 0.21 -2.96
C CYS A 22 -2.23 0.11 -3.26
N GLN A 23 -2.81 -1.04 -2.93
CA GLN A 23 -4.20 -1.41 -3.08
C GLN A 23 -5.23 -0.26 -2.95
N HIS A 24 -5.64 0.05 -1.71
CA HIS A 24 -6.76 0.92 -1.37
C HIS A 24 -6.24 2.02 -0.45
N LEU A 25 -5.93 1.68 0.81
CA LEU A 25 -5.42 2.65 1.77
C LEU A 25 -4.14 2.11 2.43
N CYS A 26 -3.15 3.01 2.59
CA CYS A 26 -1.81 2.71 3.09
C CYS A 26 -1.67 2.86 4.59
N HIS A 27 -0.64 2.21 5.13
CA HIS A 27 -0.22 2.28 6.52
C HIS A 27 1.29 1.99 6.51
N ASN A 28 2.10 2.92 7.03
CA ASN A 28 3.55 2.79 7.04
C ASN A 28 4.04 2.09 8.31
N TYR A 29 5.31 1.69 8.30
CA TYR A 29 6.00 1.08 9.44
C TYR A 29 7.51 1.22 9.20
N VAL A 30 8.32 0.76 10.15
CA VAL A 30 9.75 0.86 10.07
C VAL A 30 10.31 0.20 8.82
N GLY A 31 10.95 1.01 7.98
CA GLY A 31 11.55 0.55 6.75
C GLY A 31 10.52 0.05 5.75
N GLY A 32 9.22 0.34 5.94
CA GLY A 32 8.26 -0.12 4.93
C GLY A 32 6.84 0.38 5.12
N TYR A 33 5.91 -0.27 4.42
CA TYR A 33 4.48 0.02 4.50
C TYR A 33 3.71 -1.26 4.22
N PHE A 34 2.66 -1.53 5.00
CA PHE A 34 1.84 -2.73 4.89
C PHE A 34 0.63 -2.51 3.97
N CYS A 35 -0.36 -1.74 4.45
CA CYS A 35 -1.59 -1.32 3.80
C CYS A 35 -2.77 -2.11 4.36
N SER A 36 -3.99 -1.66 4.07
CA SER A 36 -5.20 -2.34 4.45
C SER A 36 -6.21 -2.11 3.33
N CYS A 37 -7.43 -2.64 3.44
CA CYS A 37 -8.40 -2.56 2.36
C CYS A 37 -9.80 -2.40 2.89
N ARG A 38 -10.70 -2.03 1.98
CA ARG A 38 -12.13 -1.94 2.24
C ARG A 38 -12.62 -3.33 2.66
N PRO A 39 -13.70 -3.45 3.46
CA PRO A 39 -14.25 -4.75 3.81
C PRO A 39 -14.65 -5.52 2.54
N GLY A 40 -14.64 -6.85 2.61
CA GLY A 40 -14.98 -7.69 1.47
C GLY A 40 -13.82 -7.89 0.49
N TYR A 41 -12.60 -7.57 0.92
CA TYR A 41 -11.38 -7.74 0.16
C TYR A 41 -10.36 -8.55 0.96
N GLU A 42 -9.44 -9.18 0.25
CA GLU A 42 -8.41 -10.07 0.76
C GLU A 42 -7.05 -9.59 0.24
N LEU A 43 -6.14 -9.28 1.17
CA LEU A 43 -4.79 -8.87 0.84
C LEU A 43 -4.03 -10.08 0.27
N GLN A 44 -3.45 -9.93 -0.92
CA GLN A 44 -2.72 -11.04 -1.55
C GLN A 44 -1.31 -11.15 -0.96
N GLU A 45 -0.61 -12.23 -1.33
CA GLU A 45 0.72 -12.59 -0.85
C GLU A 45 1.79 -11.51 -1.13
N ASP A 46 1.51 -10.58 -2.04
CA ASP A 46 2.43 -9.48 -2.36
C ASP A 46 2.37 -8.40 -1.29
N ARG A 47 1.36 -8.48 -0.41
CA ARG A 47 1.06 -7.53 0.65
C ARG A 47 1.14 -6.09 0.16
N HIS A 48 0.51 -5.87 -1.00
CA HIS A 48 0.46 -4.58 -1.68
C HIS A 48 -0.81 -4.46 -2.53
N SER A 49 -1.37 -5.59 -2.99
CA SER A 49 -2.57 -5.64 -3.79
C SER A 49 -3.62 -6.51 -3.10
N CYS A 50 -4.88 -6.04 -3.03
CA CYS A 50 -5.99 -6.84 -2.51
C CYS A 50 -6.83 -7.34 -3.69
N GLN A 51 -7.57 -8.42 -3.48
CA GLN A 51 -8.57 -8.92 -4.42
C GLN A 51 -9.90 -8.98 -3.68
N ALA A 52 -11.00 -9.11 -4.40
CA ALA A 52 -12.33 -9.13 -3.81
C ALA A 52 -12.68 -10.53 -3.30
N GLU A 53 -13.46 -10.59 -2.24
CA GLU A 53 -13.98 -11.82 -1.65
C GLU A 53 -15.39 -12.06 -2.16
N ALA A 1 11.19 10.91 4.32
CA ALA A 1 11.42 12.11 5.14
C ALA A 1 11.11 11.80 6.60
N VAL A 2 11.41 12.72 7.52
CA VAL A 2 11.10 12.56 8.94
C VAL A 2 9.58 12.41 9.08
N ASP A 3 8.83 13.32 8.47
CA ASP A 3 7.38 13.32 8.46
C ASP A 3 6.88 12.26 7.47
N LEU A 4 7.22 11.00 7.73
CA LEU A 4 6.81 9.90 6.88
C LEU A 4 5.31 9.64 7.05
N ASP A 5 4.63 9.41 5.93
CA ASP A 5 3.21 9.12 5.89
C ASP A 5 2.98 8.01 4.88
N GLU A 6 2.10 7.07 5.29
CA GLU A 6 1.74 5.84 4.60
C GLU A 6 1.69 6.03 3.08
N CYS A 7 2.77 5.61 2.43
CA CYS A 7 2.92 5.61 1.00
C CYS A 7 2.57 6.95 0.34
N ALA A 8 2.91 8.04 1.03
CA ALA A 8 2.73 9.40 0.57
C ALA A 8 4.11 10.06 0.53
N SER A 9 4.65 10.43 1.70
CA SER A 9 5.97 11.03 1.82
C SER A 9 7.04 9.94 1.96
N ARG A 10 6.71 8.84 2.64
CA ARG A 10 7.59 7.70 2.88
C ARG A 10 8.80 8.05 3.75
N SER A 11 9.50 7.00 4.20
CA SER A 11 10.76 7.09 4.90
C SER A 11 11.80 7.46 3.85
N LYS A 12 11.97 6.55 2.90
CA LYS A 12 12.86 6.67 1.76
C LYS A 12 12.12 7.43 0.65
N SER A 13 12.09 8.77 0.77
CA SER A 13 11.42 9.64 -0.19
C SER A 13 12.14 9.67 -1.55
N GLY A 14 12.05 8.57 -2.30
CA GLY A 14 12.63 8.42 -3.63
C GLY A 14 11.77 7.45 -4.43
N GLU A 15 12.07 7.31 -5.72
CA GLU A 15 11.37 6.40 -6.63
C GLU A 15 12.27 5.21 -6.89
N GLU A 16 11.68 4.07 -7.27
CA GLU A 16 12.39 2.83 -7.57
C GLU A 16 13.40 2.48 -6.46
N ASP A 17 12.92 2.53 -5.21
CA ASP A 17 13.71 2.27 -4.02
C ASP A 17 12.81 1.82 -2.87
N PRO A 18 11.85 2.63 -2.39
CA PRO A 18 10.94 2.17 -1.36
C PRO A 18 10.06 1.03 -1.88
N GLN A 19 9.50 0.24 -0.96
CA GLN A 19 8.60 -0.86 -1.31
C GLN A 19 7.42 -0.34 -2.14
N PRO A 20 6.87 -1.12 -3.10
CA PRO A 20 5.73 -0.70 -3.91
C PRO A 20 4.53 -0.28 -3.06
N GLN A 21 3.50 0.30 -3.68
CA GLN A 21 2.32 0.78 -2.99
C GLN A 21 1.39 -0.38 -2.61
N CYS A 22 0.22 -0.45 -3.24
CA CYS A 22 -0.87 -1.41 -3.09
C CYS A 22 -2.14 -0.72 -3.58
N GLN A 23 -3.18 -1.51 -3.82
CA GLN A 23 -4.45 -1.04 -4.36
C GLN A 23 -5.25 -0.16 -3.39
N HIS A 24 -5.37 -0.57 -2.13
CA HIS A 24 -6.26 0.08 -1.18
C HIS A 24 -5.55 0.93 -0.13
N LEU A 25 -5.26 0.35 1.04
CA LEU A 25 -4.83 1.07 2.21
C LEU A 25 -3.36 0.80 2.50
N CYS A 26 -2.60 1.83 2.91
CA CYS A 26 -1.22 1.72 3.35
C CYS A 26 -1.18 2.11 4.83
N HIS A 27 -0.15 1.66 5.57
CA HIS A 27 0.06 2.01 6.97
C HIS A 27 1.57 2.14 7.20
N ASN A 28 2.05 3.31 7.64
CA ASN A 28 3.49 3.52 7.85
C ASN A 28 3.94 3.01 9.21
N TYR A 29 5.19 2.56 9.29
CA TYR A 29 5.84 2.07 10.50
C TYR A 29 7.35 2.26 10.30
N VAL A 30 8.20 1.62 11.09
CA VAL A 30 9.63 1.77 10.92
C VAL A 30 10.10 1.16 9.61
N GLY A 31 11.11 1.79 8.99
CA GLY A 31 11.66 1.36 7.72
C GLY A 31 10.78 1.78 6.55
N GLY A 32 9.46 1.73 6.69
CA GLY A 32 8.55 2.02 5.59
C GLY A 32 7.10 1.69 5.94
N TYR A 33 6.28 1.29 4.97
CA TYR A 33 4.86 1.02 5.18
C TYR A 33 4.41 -0.36 4.71
N PHE A 34 3.36 -0.86 5.35
CA PHE A 34 2.63 -2.06 4.96
C PHE A 34 1.30 -1.61 4.36
N CYS A 35 0.41 -2.55 4.08
CA CYS A 35 -0.89 -2.28 3.48
C CYS A 35 -2.00 -3.14 4.07
N SER A 36 -3.23 -2.82 3.66
CA SER A 36 -4.48 -3.47 4.04
C SER A 36 -5.54 -3.13 2.99
N CYS A 37 -6.76 -3.65 3.16
CA CYS A 37 -7.87 -3.46 2.24
C CYS A 37 -9.08 -2.90 2.96
N ARG A 38 -9.99 -2.30 2.20
CA ARG A 38 -11.28 -1.88 2.73
C ARG A 38 -12.09 -3.18 2.93
N PRO A 39 -13.09 -3.22 3.82
CA PRO A 39 -13.86 -4.43 4.04
C PRO A 39 -14.45 -4.99 2.75
N GLY A 40 -14.62 -6.32 2.70
CA GLY A 40 -15.12 -7.02 1.54
C GLY A 40 -14.03 -7.29 0.49
N TYR A 41 -12.75 -7.05 0.83
CA TYR A 41 -11.61 -7.32 -0.02
C TYR A 41 -10.49 -7.86 0.87
N GLU A 42 -9.57 -8.65 0.29
CA GLU A 42 -8.47 -9.26 1.02
C GLU A 42 -7.18 -9.13 0.22
N LEU A 43 -6.09 -8.81 0.91
CA LEU A 43 -4.79 -8.67 0.30
C LEU A 43 -4.28 -10.05 -0.08
N GLN A 44 -3.86 -10.21 -1.33
CA GLN A 44 -3.27 -11.46 -1.77
C GLN A 44 -1.80 -11.50 -1.32
N GLU A 45 -1.12 -12.63 -1.57
CA GLU A 45 0.25 -12.88 -1.13
C GLU A 45 1.26 -11.80 -1.52
N ASP A 46 1.00 -11.08 -2.61
CA ASP A 46 1.87 -9.99 -3.08
C ASP A 46 1.81 -8.79 -2.14
N ARG A 47 0.78 -8.70 -1.31
CA ARG A 47 0.45 -7.62 -0.39
C ARG A 47 0.16 -6.29 -1.08
N HIS A 48 -0.15 -6.34 -2.38
CA HIS A 48 -0.48 -5.18 -3.19
C HIS A 48 -1.90 -5.30 -3.71
N SER A 49 -2.30 -6.52 -4.08
CA SER A 49 -3.58 -6.76 -4.73
C SER A 49 -4.69 -7.02 -3.71
N CYS A 50 -5.61 -6.06 -3.56
CA CYS A 50 -6.79 -6.21 -2.72
C CYS A 50 -7.95 -6.62 -3.63
N GLN A 51 -8.10 -7.92 -3.89
CA GLN A 51 -9.25 -8.39 -4.66
C GLN A 51 -10.39 -8.65 -3.70
N ALA A 52 -11.59 -8.83 -4.26
CA ALA A 52 -12.79 -9.10 -3.49
C ALA A 52 -12.76 -10.56 -3.02
N GLU A 53 -11.90 -10.77 -2.03
CA GLU A 53 -11.49 -12.02 -1.40
C GLU A 53 -10.35 -12.63 -2.22
N ALA A 1 6.33 8.05 6.84
CA ALA A 1 6.80 7.48 8.12
C ALA A 1 7.58 8.55 8.88
N VAL A 2 8.91 8.41 9.04
CA VAL A 2 9.73 9.50 9.57
C VAL A 2 9.81 10.51 8.42
N ASP A 3 10.07 9.97 7.22
CA ASP A 3 9.94 10.70 5.97
C ASP A 3 8.44 10.95 5.75
N LEU A 4 8.09 11.67 4.68
CA LEU A 4 6.69 11.88 4.33
C LEU A 4 5.94 10.55 4.27
N ASP A 5 4.65 10.58 4.54
CA ASP A 5 3.82 9.38 4.50
C ASP A 5 3.63 8.97 3.04
N GLU A 6 4.62 8.23 2.54
CA GLU A 6 4.75 7.71 1.17
C GLU A 6 3.42 7.23 0.60
N CYS A 7 2.57 6.65 1.44
CA CYS A 7 1.26 6.15 1.06
C CYS A 7 0.39 7.21 0.38
N ALA A 8 0.47 8.46 0.85
CA ALA A 8 -0.31 9.56 0.29
C ALA A 8 0.18 9.91 -1.11
N SER A 9 1.49 10.08 -1.27
CA SER A 9 2.11 10.44 -2.54
C SER A 9 2.22 9.25 -3.49
N ARG A 10 2.17 8.02 -2.97
CA ARG A 10 2.37 6.79 -3.73
C ARG A 10 3.76 6.84 -4.37
N SER A 11 4.75 7.39 -3.65
CA SER A 11 6.11 7.57 -4.12
C SER A 11 7.04 6.53 -3.51
N LYS A 12 8.11 6.18 -4.24
CA LYS A 12 9.17 5.32 -3.70
C LYS A 12 9.90 6.20 -2.70
N SER A 13 9.69 6.01 -1.40
CA SER A 13 10.29 6.88 -0.39
C SER A 13 10.58 6.22 0.95
N GLY A 14 10.06 5.02 1.22
CA GLY A 14 10.26 4.35 2.48
C GLY A 14 11.76 4.19 2.79
N GLU A 15 12.19 4.80 3.90
CA GLU A 15 13.55 4.88 4.40
C GLU A 15 14.33 3.59 4.15
N GLU A 16 13.75 2.45 4.54
CA GLU A 16 14.31 1.13 4.30
C GLU A 16 13.20 0.25 3.73
N ASP A 17 12.52 0.76 2.72
CA ASP A 17 11.38 0.09 2.09
C ASP A 17 11.06 0.78 0.76
N PRO A 18 11.60 0.33 -0.38
CA PRO A 18 11.25 0.89 -1.68
C PRO A 18 9.88 0.33 -2.07
N GLN A 19 8.86 0.71 -1.31
CA GLN A 19 7.51 0.18 -1.45
C GLN A 19 6.88 0.50 -2.81
N PRO A 20 6.36 -0.50 -3.54
CA PRO A 20 5.60 -0.23 -4.74
C PRO A 20 4.27 0.42 -4.34
N GLN A 21 3.62 1.06 -5.32
CA GLN A 21 2.37 1.79 -5.17
C GLN A 21 1.27 0.87 -4.65
N CYS A 22 0.85 1.05 -3.39
CA CYS A 22 -0.15 0.17 -2.80
C CYS A 22 -1.54 0.34 -3.40
N GLN A 23 -2.31 -0.74 -3.25
CA GLN A 23 -3.67 -0.93 -3.69
C GLN A 23 -4.66 0.07 -3.07
N HIS A 24 -5.35 -0.32 -1.99
CA HIS A 24 -6.36 0.45 -1.31
C HIS A 24 -5.68 1.42 -0.34
N LEU A 25 -5.31 0.95 0.85
CA LEU A 25 -4.65 1.78 1.86
C LEU A 25 -3.39 1.12 2.40
N CYS A 26 -2.63 1.89 3.18
CA CYS A 26 -1.36 1.49 3.76
C CYS A 26 -1.40 1.77 5.26
N HIS A 27 -0.37 1.32 5.97
CA HIS A 27 -0.13 1.56 7.38
C HIS A 27 1.35 1.91 7.46
N ASN A 28 1.70 3.12 7.93
CA ASN A 28 3.09 3.51 8.03
C ASN A 28 3.72 2.82 9.23
N TYR A 29 5.01 2.47 9.13
CA TYR A 29 5.78 1.84 10.19
C TYR A 29 7.26 2.03 9.91
N VAL A 30 8.12 1.54 10.80
CA VAL A 30 9.55 1.64 10.62
C VAL A 30 9.95 1.05 9.27
N GLY A 31 10.84 1.76 8.57
CA GLY A 31 11.26 1.38 7.24
C GLY A 31 10.40 2.05 6.17
N GLY A 32 9.08 2.22 6.41
CA GLY A 32 8.19 2.81 5.43
C GLY A 32 6.72 2.52 5.71
N TYR A 33 6.14 1.55 4.98
CA TYR A 33 4.75 1.15 5.17
C TYR A 33 4.51 -0.33 4.86
N PHE A 34 3.40 -0.86 5.37
CA PHE A 34 2.81 -2.14 5.02
C PHE A 34 1.39 -1.80 4.56
N CYS A 35 0.58 -2.75 4.08
CA CYS A 35 -0.72 -2.41 3.51
C CYS A 35 -1.83 -3.37 3.88
N SER A 36 -3.06 -2.96 3.56
CA SER A 36 -4.30 -3.66 3.87
C SER A 36 -5.39 -3.19 2.91
N CYS A 37 -6.63 -3.66 3.09
CA CYS A 37 -7.72 -3.37 2.17
C CYS A 37 -8.91 -2.75 2.87
N ARG A 38 -9.86 -2.26 2.07
CA ARG A 38 -11.17 -1.87 2.56
C ARG A 38 -11.90 -3.18 2.91
N PRO A 39 -12.91 -3.17 3.80
CA PRO A 39 -13.64 -4.38 4.11
C PRO A 39 -14.29 -4.96 2.85
N GLY A 40 -14.47 -6.28 2.82
CA GLY A 40 -15.03 -6.99 1.67
C GLY A 40 -13.99 -7.32 0.59
N TYR A 41 -12.71 -7.15 0.91
CA TYR A 41 -11.58 -7.49 0.04
C TYR A 41 -10.50 -8.13 0.91
N GLU A 42 -9.60 -8.91 0.29
CA GLU A 42 -8.51 -9.58 0.98
C GLU A 42 -7.22 -9.36 0.20
N LEU A 43 -6.13 -9.08 0.92
CA LEU A 43 -4.83 -8.88 0.32
C LEU A 43 -4.30 -10.26 -0.06
N GLN A 44 -4.39 -10.58 -1.36
CA GLN A 44 -3.91 -11.83 -1.89
C GLN A 44 -2.41 -11.67 -2.10
N GLU A 45 -1.64 -12.76 -1.94
CA GLU A 45 -0.18 -12.79 -2.08
C GLU A 45 0.54 -12.12 -0.92
N ASP A 46 0.13 -10.88 -0.64
CA ASP A 46 0.68 -9.87 0.24
C ASP A 46 1.11 -8.75 -0.71
N ARG A 47 1.38 -9.12 -1.97
CA ARG A 47 1.86 -8.20 -2.95
C ARG A 47 0.76 -7.30 -3.55
N HIS A 48 0.33 -6.32 -2.77
CA HIS A 48 -0.52 -5.20 -3.17
C HIS A 48 -1.71 -5.60 -4.05
N SER A 49 -2.36 -6.71 -3.71
CA SER A 49 -3.45 -7.28 -4.50
C SER A 49 -4.71 -7.47 -3.64
N CYS A 50 -5.41 -6.37 -3.31
CA CYS A 50 -6.64 -6.47 -2.53
C CYS A 50 -7.82 -6.74 -3.46
N GLN A 51 -8.00 -8.02 -3.80
CA GLN A 51 -9.12 -8.48 -4.61
C GLN A 51 -10.33 -8.70 -3.69
N ALA A 52 -11.51 -8.84 -4.29
CA ALA A 52 -12.75 -9.04 -3.57
C ALA A 52 -12.79 -10.48 -3.03
N GLU A 53 -11.99 -10.68 -1.98
CA GLU A 53 -11.65 -11.92 -1.30
C GLU A 53 -10.52 -12.61 -2.08
N ALA A 1 12.25 0.14 4.19
CA ALA A 1 13.37 0.91 4.76
C ALA A 1 12.95 1.48 6.11
N VAL A 2 13.47 2.65 6.51
CA VAL A 2 13.06 3.29 7.76
C VAL A 2 11.57 3.66 7.66
N ASP A 3 10.95 4.02 8.78
CA ASP A 3 9.53 4.36 8.82
C ASP A 3 9.26 5.74 8.21
N LEU A 4 9.46 5.87 6.91
CA LEU A 4 9.12 7.09 6.16
C LEU A 4 7.84 6.84 5.37
N ASP A 5 7.33 7.86 4.69
CA ASP A 5 6.10 7.81 3.91
C ASP A 5 6.37 7.08 2.59
N GLU A 6 6.69 5.78 2.68
CA GLU A 6 6.99 4.94 1.54
C GLU A 6 5.84 4.94 0.54
N CYS A 7 4.63 4.57 0.96
CA CYS A 7 3.53 4.53 0.01
C CYS A 7 3.32 5.88 -0.66
N ALA A 8 3.32 6.94 0.15
CA ALA A 8 3.14 8.30 -0.32
C ALA A 8 4.14 8.63 -1.43
N SER A 9 5.44 8.55 -1.11
CA SER A 9 6.50 8.83 -2.07
C SER A 9 6.38 7.92 -3.28
N ARG A 10 6.21 6.62 -3.06
CA ARG A 10 6.09 5.59 -4.10
C ARG A 10 4.66 5.59 -4.69
N SER A 11 4.18 6.77 -5.08
CA SER A 11 2.90 7.00 -5.74
C SER A 11 2.90 8.46 -6.20
N LYS A 12 2.95 9.40 -5.24
CA LYS A 12 2.98 10.84 -5.46
C LYS A 12 4.26 11.22 -6.21
N SER A 13 4.25 10.97 -7.52
CA SER A 13 5.37 11.18 -8.43
C SER A 13 4.82 11.34 -9.84
N GLY A 14 4.29 10.22 -10.34
CA GLY A 14 3.66 10.11 -11.65
C GLY A 14 2.37 10.91 -11.69
N GLU A 15 2.48 12.23 -11.84
CA GLU A 15 1.37 13.17 -11.94
C GLU A 15 0.22 12.63 -12.79
N GLU A 16 0.55 11.98 -13.91
CA GLU A 16 -0.42 11.33 -14.79
C GLU A 16 -0.91 10.06 -14.09
N ASP A 17 -1.78 10.24 -13.10
CA ASP A 17 -2.40 9.20 -12.26
C ASP A 17 -1.39 8.60 -11.28
N PRO A 18 -1.12 9.26 -10.14
CA PRO A 18 -0.19 8.77 -9.14
C PRO A 18 -0.86 7.65 -8.34
N GLN A 19 -1.05 6.48 -8.97
CA GLN A 19 -1.69 5.33 -8.35
C GLN A 19 -1.04 5.00 -7.00
N PRO A 20 -1.82 4.67 -5.95
CA PRO A 20 -1.29 4.36 -4.65
C PRO A 20 -0.45 3.08 -4.71
N GLN A 21 0.56 2.97 -3.84
CA GLN A 21 1.45 1.83 -3.78
C GLN A 21 0.67 0.52 -3.58
N CYS A 22 -0.40 0.58 -2.79
CA CYS A 22 -1.29 -0.53 -2.50
C CYS A 22 -2.65 -0.16 -3.07
N GLN A 23 -3.32 -1.11 -3.72
CA GLN A 23 -4.57 -0.95 -4.45
C GLN A 23 -5.57 0.00 -3.81
N HIS A 24 -5.95 -0.26 -2.54
CA HIS A 24 -6.99 0.49 -1.86
C HIS A 24 -6.41 1.59 -0.98
N LEU A 25 -5.82 1.23 0.17
CA LEU A 25 -5.33 2.22 1.11
C LEU A 25 -4.11 1.70 1.85
N CYS A 26 -3.05 2.52 1.88
CA CYS A 26 -1.80 2.15 2.51
C CYS A 26 -1.72 2.64 3.95
N HIS A 27 -0.64 2.24 4.61
CA HIS A 27 -0.19 2.71 5.91
C HIS A 27 1.30 2.43 5.92
N ASN A 28 2.04 3.27 6.64
CA ASN A 28 3.50 3.22 6.75
C ASN A 28 3.87 2.80 8.17
N TYR A 29 5.00 2.11 8.35
CA TYR A 29 5.45 1.64 9.66
C TYR A 29 6.93 1.23 9.60
N VAL A 30 7.44 0.67 10.70
CA VAL A 30 8.82 0.19 10.76
C VAL A 30 9.01 -0.93 9.73
N GLY A 31 10.15 -0.89 9.04
CA GLY A 31 10.39 -1.78 7.92
C GLY A 31 9.94 -1.10 6.63
N GLY A 32 8.99 -0.16 6.71
CA GLY A 32 8.51 0.58 5.54
C GLY A 32 7.02 0.84 5.56
N TYR A 33 6.25 -0.14 5.11
CA TYR A 33 4.81 -0.03 5.01
C TYR A 33 4.10 -1.36 5.14
N PHE A 34 2.81 -1.28 5.50
CA PHE A 34 1.92 -2.44 5.61
C PHE A 34 0.85 -2.40 4.53
N CYS A 35 -0.16 -1.56 4.76
CA CYS A 35 -1.33 -1.33 3.91
C CYS A 35 -2.51 -2.14 4.42
N SER A 36 -3.70 -1.82 3.92
CA SER A 36 -4.92 -2.54 4.20
C SER A 36 -5.82 -2.42 2.99
N CYS A 37 -7.10 -2.75 3.15
CA CYS A 37 -8.03 -2.83 2.06
C CYS A 37 -9.44 -2.46 2.48
N ARG A 38 -10.31 -2.24 1.49
CA ARG A 38 -11.73 -2.02 1.72
C ARG A 38 -12.26 -3.32 2.35
N PRO A 39 -13.14 -3.26 3.37
CA PRO A 39 -13.68 -4.48 3.96
C PRO A 39 -14.24 -5.40 2.89
N GLY A 40 -14.16 -6.70 3.15
CA GLY A 40 -14.51 -7.73 2.19
C GLY A 40 -13.26 -8.17 1.40
N TYR A 41 -12.30 -7.25 1.17
CA TYR A 41 -11.06 -7.52 0.48
C TYR A 41 -9.91 -7.60 1.49
N GLU A 42 -8.81 -8.23 1.09
CA GLU A 42 -7.60 -8.36 1.88
C GLU A 42 -6.40 -8.32 0.94
N LEU A 43 -5.24 -7.96 1.51
CA LEU A 43 -4.00 -7.96 0.77
C LEU A 43 -3.65 -9.40 0.45
N GLN A 44 -3.24 -9.64 -0.79
CA GLN A 44 -2.76 -10.96 -1.19
C GLN A 44 -1.25 -10.98 -1.05
N GLU A 45 -0.60 -12.08 -1.43
CA GLU A 45 0.84 -12.26 -1.32
C GLU A 45 1.66 -11.18 -2.05
N ASP A 46 1.02 -10.44 -2.96
CA ASP A 46 1.63 -9.33 -3.68
C ASP A 46 2.01 -8.24 -2.67
N ARG A 47 1.20 -8.09 -1.63
CA ARG A 47 1.36 -7.10 -0.58
C ARG A 47 1.07 -5.68 -1.08
N HIS A 48 0.20 -5.61 -2.10
CA HIS A 48 -0.26 -4.39 -2.73
C HIS A 48 -1.68 -4.63 -3.26
N SER A 49 -1.85 -5.78 -3.91
CA SER A 49 -3.11 -6.21 -4.50
C SER A 49 -4.13 -6.58 -3.42
N CYS A 50 -5.23 -5.82 -3.34
CA CYS A 50 -6.33 -6.07 -2.44
C CYS A 50 -7.37 -6.87 -3.21
N GLN A 51 -7.58 -8.15 -2.89
CA GLN A 51 -8.57 -8.97 -3.58
C GLN A 51 -9.58 -9.51 -2.57
N ALA A 52 -10.72 -9.97 -3.08
CA ALA A 52 -11.81 -10.52 -2.29
C ALA A 52 -11.50 -11.97 -1.96
N GLU A 53 -10.41 -12.15 -1.23
CA GLU A 53 -9.86 -13.44 -0.83
C GLU A 53 -9.22 -13.27 0.54
N ALA A 1 3.40 3.74 11.86
CA ALA A 1 3.64 3.54 13.30
C ALA A 1 4.55 4.67 13.78
N VAL A 2 5.54 4.41 14.63
CA VAL A 2 6.51 5.42 15.04
C VAL A 2 7.52 5.58 13.91
N ASP A 3 7.05 6.10 12.77
CA ASP A 3 7.80 6.31 11.54
C ASP A 3 6.96 7.21 10.65
N LEU A 4 7.58 7.87 9.67
CA LEU A 4 6.88 8.76 8.77
C LEU A 4 5.89 7.96 7.92
N ASP A 5 4.86 8.63 7.42
CA ASP A 5 3.83 8.04 6.58
C ASP A 5 4.34 7.91 5.15
N GLU A 6 5.44 7.15 4.99
CA GLU A 6 6.18 6.94 3.75
C GLU A 6 5.27 6.91 2.51
N CYS A 7 4.29 6.00 2.48
CA CYS A 7 3.39 5.89 1.33
C CYS A 7 2.73 7.22 1.00
N ALA A 8 2.25 7.94 2.02
CA ALA A 8 1.62 9.25 1.85
C ALA A 8 2.67 10.23 1.33
N SER A 9 3.84 10.25 1.97
CA SER A 9 4.94 11.12 1.59
C SER A 9 5.27 10.97 0.10
N ARG A 10 5.39 9.72 -0.35
CA ARG A 10 5.67 9.40 -1.76
C ARG A 10 4.47 9.77 -2.63
N SER A 11 3.27 9.39 -2.21
CA SER A 11 2.03 9.70 -2.91
C SER A 11 1.60 11.14 -2.63
N LYS A 12 2.51 12.09 -2.81
CA LYS A 12 2.27 13.51 -2.57
C LYS A 12 1.07 13.99 -3.38
N SER A 13 0.17 14.75 -2.77
CA SER A 13 -1.00 15.30 -3.43
C SER A 13 -1.60 16.40 -2.57
N GLY A 14 -2.77 16.84 -3.01
CA GLY A 14 -3.65 17.86 -2.47
C GLY A 14 -4.81 17.90 -3.47
N GLU A 15 -4.46 18.14 -4.74
CA GLU A 15 -5.36 18.12 -5.87
C GLU A 15 -4.64 17.43 -7.05
N GLU A 16 -3.92 16.33 -6.78
CA GLU A 16 -3.15 15.59 -7.77
C GLU A 16 -3.52 14.11 -7.76
N ASP A 17 -3.10 13.39 -8.79
CA ASP A 17 -3.31 11.95 -8.95
C ASP A 17 -1.92 11.32 -9.08
N PRO A 18 -1.22 11.10 -7.97
CA PRO A 18 0.14 10.55 -7.99
C PRO A 18 0.10 9.05 -8.26
N GLN A 19 1.28 8.44 -8.34
CA GLN A 19 1.44 7.01 -8.58
C GLN A 19 0.59 6.19 -7.60
N PRO A 20 -0.36 5.37 -8.07
CA PRO A 20 -1.21 4.56 -7.20
C PRO A 20 -0.43 3.35 -6.70
N GLN A 21 0.60 3.59 -5.88
CA GLN A 21 1.51 2.57 -5.35
C GLN A 21 0.87 1.73 -4.23
N CYS A 22 -0.40 1.38 -4.37
CA CYS A 22 -1.20 0.63 -3.41
C CYS A 22 -2.59 0.43 -4.01
N GLN A 23 -3.17 -0.77 -3.94
CA GLN A 23 -4.49 -0.98 -4.53
C GLN A 23 -5.58 -0.20 -3.80
N HIS A 24 -5.71 -0.40 -2.49
CA HIS A 24 -6.76 0.19 -1.68
C HIS A 24 -6.19 1.30 -0.79
N LEU A 25 -5.74 0.99 0.43
CA LEU A 25 -5.21 2.03 1.32
C LEU A 25 -3.92 1.58 2.00
N CYS A 26 -2.98 2.52 2.20
CA CYS A 26 -1.68 2.24 2.80
C CYS A 26 -1.70 2.34 4.32
N HIS A 27 -0.64 1.81 4.92
CA HIS A 27 -0.27 1.88 6.32
C HIS A 27 1.26 1.95 6.31
N ASN A 28 1.87 2.36 7.41
CA ASN A 28 3.31 2.52 7.51
C ASN A 28 3.80 1.99 8.85
N TYR A 29 5.05 1.53 8.87
CA TYR A 29 5.67 0.82 9.98
C TYR A 29 7.16 0.59 9.73
N VAL A 30 7.82 -0.15 10.60
CA VAL A 30 9.19 -0.56 10.41
C VAL A 30 9.21 -1.52 9.24
N GLY A 31 10.12 -1.29 8.30
CA GLY A 31 10.12 -1.97 7.01
C GLY A 31 9.58 -1.01 5.96
N GLY A 32 8.95 0.11 6.37
CA GLY A 32 8.49 1.13 5.44
C GLY A 32 6.97 1.23 5.42
N TYR A 33 6.35 0.63 4.41
CA TYR A 33 4.92 0.68 4.23
C TYR A 33 4.35 -0.62 3.68
N PHE A 34 3.05 -0.79 3.87
CA PHE A 34 2.27 -1.91 3.40
C PHE A 34 0.85 -1.38 3.23
N CYS A 35 -0.06 -2.17 2.65
CA CYS A 35 -1.44 -1.77 2.47
C CYS A 35 -2.39 -2.65 3.27
N SER A 36 -3.64 -2.19 3.31
CA SER A 36 -4.80 -2.89 3.80
C SER A 36 -5.88 -2.58 2.79
N CYS A 37 -7.07 -3.10 3.02
CA CYS A 37 -8.15 -3.07 2.06
C CYS A 37 -9.45 -2.53 2.62
N ARG A 38 -10.36 -2.21 1.70
CA ARG A 38 -11.73 -1.90 2.04
C ARG A 38 -12.35 -3.22 2.54
N PRO A 39 -13.42 -3.18 3.35
CA PRO A 39 -14.02 -4.40 3.88
C PRO A 39 -14.38 -5.40 2.78
N GLY A 40 -14.46 -6.68 3.16
CA GLY A 40 -14.73 -7.75 2.24
C GLY A 40 -13.46 -8.24 1.55
N TYR A 41 -12.69 -7.31 1.00
CA TYR A 41 -11.45 -7.63 0.31
C TYR A 41 -10.38 -8.10 1.29
N GLU A 42 -9.53 -9.01 0.81
CA GLU A 42 -8.41 -9.63 1.49
C GLU A 42 -7.12 -9.09 0.89
N LEU A 43 -6.19 -8.70 1.76
CA LEU A 43 -4.88 -8.16 1.41
C LEU A 43 -3.97 -9.35 1.09
N GLN A 44 -3.34 -9.36 -0.09
CA GLN A 44 -2.54 -10.48 -0.55
C GLN A 44 -1.07 -10.39 -0.10
N GLU A 45 -0.32 -11.48 -0.32
CA GLU A 45 1.10 -11.57 0.00
C GLU A 45 1.94 -10.51 -0.72
N ASP A 46 1.37 -9.83 -1.73
CA ASP A 46 2.01 -8.76 -2.46
C ASP A 46 2.17 -7.53 -1.57
N ARG A 47 1.48 -7.48 -0.43
CA ARG A 47 1.49 -6.40 0.55
C ARG A 47 0.71 -5.18 0.09
N HIS A 48 0.68 -4.93 -1.22
CA HIS A 48 0.06 -3.78 -1.83
C HIS A 48 -1.27 -4.10 -2.51
N SER A 49 -1.42 -5.34 -2.98
CA SER A 49 -2.57 -5.83 -3.73
C SER A 49 -3.68 -6.38 -2.84
N CYS A 50 -4.93 -6.01 -3.15
CA CYS A 50 -6.12 -6.53 -2.50
C CYS A 50 -6.89 -7.37 -3.51
N GLN A 51 -7.70 -8.31 -3.04
CA GLN A 51 -8.59 -9.09 -3.90
C GLN A 51 -9.86 -9.38 -3.13
N ALA A 52 -10.92 -9.77 -3.82
CA ALA A 52 -12.15 -10.21 -3.18
C ALA A 52 -11.96 -11.70 -2.88
N GLU A 53 -11.01 -11.92 -1.95
CA GLU A 53 -10.39 -13.15 -1.48
C GLU A 53 -9.01 -13.22 -2.13
N ALA A 1 1.22 17.10 9.22
CA ALA A 1 1.94 17.83 8.16
C ALA A 1 2.55 16.78 7.23
N VAL A 2 3.46 17.18 6.32
CA VAL A 2 4.13 16.22 5.46
C VAL A 2 4.93 15.24 6.32
N ASP A 3 5.09 14.00 5.84
CA ASP A 3 5.82 12.95 6.52
C ASP A 3 6.21 11.92 5.46
N LEU A 4 7.09 10.97 5.79
CA LEU A 4 7.54 9.94 4.87
C LEU A 4 6.47 8.85 4.72
N ASP A 5 5.26 9.25 4.36
CA ASP A 5 4.22 8.27 4.08
C ASP A 5 4.53 7.71 2.71
N GLU A 6 5.42 6.70 2.66
CA GLU A 6 5.82 5.98 1.46
C GLU A 6 4.62 5.29 0.81
N CYS A 7 3.75 6.10 0.23
CA CYS A 7 2.49 5.77 -0.41
C CYS A 7 1.99 7.08 -1.02
N ALA A 8 1.70 8.07 -0.17
CA ALA A 8 1.33 9.40 -0.60
C ALA A 8 2.58 10.14 -1.09
N SER A 9 3.61 10.17 -0.24
CA SER A 9 4.87 10.84 -0.48
C SER A 9 5.72 10.03 -1.46
N ARG A 10 5.23 9.84 -2.69
CA ARG A 10 5.88 9.08 -3.74
C ARG A 10 5.63 9.73 -5.09
N SER A 11 6.23 10.90 -5.32
CA SER A 11 6.14 11.58 -6.61
C SER A 11 6.74 10.65 -7.66
N LYS A 12 5.95 10.23 -8.65
CA LYS A 12 6.37 9.24 -9.64
C LYS A 12 6.66 7.92 -8.92
N SER A 13 5.63 7.38 -8.26
CA SER A 13 5.68 6.12 -7.54
C SER A 13 6.25 5.04 -8.47
N GLY A 14 7.40 4.48 -8.13
CA GLY A 14 8.12 3.55 -8.99
C GLY A 14 9.52 4.11 -9.17
N GLU A 15 9.60 5.38 -9.61
CA GLU A 15 10.87 6.09 -9.64
C GLU A 15 11.20 6.30 -8.17
N GLU A 16 10.26 6.92 -7.44
CA GLU A 16 10.34 7.00 -6.00
C GLU A 16 9.77 5.69 -5.46
N ASP A 17 10.68 4.83 -4.95
CA ASP A 17 10.41 3.51 -4.39
C ASP A 17 10.03 2.56 -5.52
N PRO A 18 10.91 1.62 -5.89
CA PRO A 18 10.68 0.71 -7.00
C PRO A 18 9.72 -0.41 -6.62
N GLN A 19 8.45 -0.03 -6.41
CA GLN A 19 7.32 -0.90 -6.10
C GLN A 19 6.11 -0.25 -6.78
N PRO A 20 5.02 -1.00 -7.02
CA PRO A 20 3.79 -0.40 -7.53
C PRO A 20 3.12 0.37 -6.39
N GLN A 21 1.86 0.78 -6.57
CA GLN A 21 1.03 1.40 -5.55
C GLN A 21 -0.06 0.39 -5.19
N CYS A 22 -0.40 0.29 -3.91
CA CYS A 22 -1.36 -0.69 -3.43
C CYS A 22 -2.80 -0.31 -3.75
N GLN A 23 -3.70 -1.29 -3.64
CA GLN A 23 -5.08 -1.14 -4.09
C GLN A 23 -5.89 -0.04 -3.40
N HIS A 24 -6.17 -0.13 -2.09
CA HIS A 24 -7.08 0.81 -1.41
C HIS A 24 -6.35 1.79 -0.49
N LEU A 25 -5.92 1.35 0.71
CA LEU A 25 -5.33 2.27 1.70
C LEU A 25 -4.02 1.74 2.29
N CYS A 26 -3.17 2.67 2.71
CA CYS A 26 -1.80 2.41 3.18
C CYS A 26 -1.63 2.59 4.68
N HIS A 27 -0.48 2.13 5.18
CA HIS A 27 0.00 2.25 6.55
C HIS A 27 1.51 2.48 6.47
N ASN A 28 2.18 2.77 7.59
CA ASN A 28 3.63 2.92 7.65
C ASN A 28 4.11 2.14 8.87
N TYR A 29 5.37 1.73 8.90
CA TYR A 29 5.97 0.97 9.98
C TYR A 29 7.46 0.73 9.74
N VAL A 30 8.12 0.01 10.65
CA VAL A 30 9.50 -0.40 10.49
C VAL A 30 9.63 -1.17 9.18
N GLY A 31 10.67 -0.89 8.41
CA GLY A 31 10.85 -1.48 7.09
C GLY A 31 10.31 -0.54 6.01
N GLY A 32 9.32 0.30 6.34
CA GLY A 32 8.78 1.29 5.40
C GLY A 32 7.27 1.39 5.50
N TYR A 33 6.57 0.65 4.64
CA TYR A 33 5.13 0.70 4.55
C TYR A 33 4.52 -0.63 4.15
N PHE A 34 3.19 -0.69 4.28
CA PHE A 34 2.33 -1.79 3.92
C PHE A 34 0.96 -1.16 3.70
N CYS A 35 -0.04 -1.97 3.36
CA CYS A 35 -1.38 -1.52 3.05
C CYS A 35 -2.42 -2.47 3.62
N SER A 36 -3.68 -2.12 3.40
CA SER A 36 -4.85 -2.89 3.79
C SER A 36 -5.98 -2.47 2.85
N CYS A 37 -7.12 -3.16 2.93
CA CYS A 37 -8.23 -2.90 2.03
C CYS A 37 -9.56 -2.88 2.76
N ARG A 38 -10.57 -2.40 2.03
CA ARG A 38 -11.93 -2.26 2.51
C ARG A 38 -12.55 -3.64 2.73
N PRO A 39 -13.63 -3.75 3.53
CA PRO A 39 -14.30 -5.03 3.73
C PRO A 39 -14.73 -5.62 2.38
N GLY A 40 -14.85 -6.94 2.33
CA GLY A 40 -15.16 -7.65 1.10
C GLY A 40 -13.92 -7.80 0.22
N TYR A 41 -12.75 -7.31 0.68
CA TYR A 41 -11.47 -7.49 0.03
C TYR A 41 -10.46 -7.87 1.09
N GLU A 42 -9.37 -8.52 0.66
CA GLU A 42 -8.28 -8.95 1.51
C GLU A 42 -6.97 -8.69 0.80
N LEU A 43 -6.05 -8.06 1.51
CA LEU A 43 -4.72 -7.70 1.04
C LEU A 43 -3.90 -8.99 0.92
N GLN A 44 -3.34 -9.26 -0.26
CA GLN A 44 -2.63 -10.50 -0.53
C GLN A 44 -1.15 -10.44 -0.11
N GLU A 45 -0.50 -11.60 -0.12
CA GLU A 45 0.91 -11.78 0.24
C GLU A 45 1.92 -10.97 -0.59
N ASP A 46 1.45 -10.18 -1.57
CA ASP A 46 2.27 -9.33 -2.40
C ASP A 46 2.32 -7.92 -1.80
N ARG A 47 1.68 -7.70 -0.64
CA ARG A 47 1.66 -6.45 0.09
C ARG A 47 0.81 -5.35 -0.54
N HIS A 48 0.65 -5.35 -1.87
CA HIS A 48 -0.02 -4.26 -2.58
C HIS A 48 -1.42 -4.60 -3.12
N SER A 49 -1.58 -5.76 -3.75
CA SER A 49 -2.85 -6.14 -4.38
C SER A 49 -3.84 -6.72 -3.37
N CYS A 50 -5.14 -6.44 -3.59
CA CYS A 50 -6.23 -6.97 -2.79
C CYS A 50 -7.16 -7.79 -3.66
N GLN A 51 -7.47 -9.02 -3.24
CA GLN A 51 -8.51 -9.78 -3.93
C GLN A 51 -9.82 -9.49 -3.22
N ALA A 52 -10.93 -9.83 -3.87
CA ALA A 52 -12.28 -9.65 -3.36
C ALA A 52 -12.67 -10.96 -2.68
N GLU A 53 -12.76 -10.96 -1.35
CA GLU A 53 -13.04 -12.11 -0.52
C GLU A 53 -13.20 -11.59 0.91
N ALA A 1 7.60 5.03 7.49
CA ALA A 1 8.12 5.93 8.53
C ALA A 1 7.06 6.07 9.62
N VAL A 2 7.42 6.55 10.81
CA VAL A 2 6.44 6.76 11.86
C VAL A 2 5.41 7.80 11.38
N ASP A 3 5.90 8.84 10.68
CA ASP A 3 5.05 9.86 10.10
C ASP A 3 4.35 9.28 8.87
N LEU A 4 3.16 9.80 8.57
CA LEU A 4 2.34 9.39 7.44
C LEU A 4 2.92 10.01 6.16
N ASP A 5 4.11 9.55 5.78
CA ASP A 5 4.83 10.04 4.60
C ASP A 5 5.57 8.87 3.94
N GLU A 6 4.80 7.91 3.44
CA GLU A 6 5.24 6.71 2.73
C GLU A 6 3.97 5.93 2.42
N CYS A 7 3.41 6.14 1.22
CA CYS A 7 2.10 5.66 0.78
C CYS A 7 0.99 6.37 1.56
N ALA A 8 0.93 6.18 2.88
CA ALA A 8 -0.05 6.80 3.77
C ALA A 8 -1.47 6.67 3.20
N SER A 9 -1.78 5.50 2.64
CA SER A 9 -3.07 5.21 2.03
C SER A 9 -3.45 6.19 0.92
N ARG A 10 -2.47 6.64 0.13
CA ARG A 10 -2.72 7.53 -0.99
C ARG A 10 -3.69 6.95 -2.01
N SER A 11 -4.35 7.83 -2.75
CA SER A 11 -5.23 7.46 -3.85
C SER A 11 -4.37 7.22 -5.10
N LYS A 12 -5.04 7.08 -6.25
CA LYS A 12 -4.42 6.81 -7.55
C LYS A 12 -3.40 5.67 -7.38
N SER A 13 -3.91 4.50 -6.99
CA SER A 13 -3.11 3.33 -6.75
C SER A 13 -2.68 2.69 -8.10
N GLY A 14 -1.92 1.59 -8.05
CA GLY A 14 -1.46 0.88 -9.23
C GLY A 14 0.01 1.18 -9.51
N GLU A 15 0.28 1.93 -10.58
CA GLU A 15 1.64 2.28 -11.00
C GLU A 15 1.76 3.80 -11.13
N GLU A 16 3.00 4.29 -11.23
CA GLU A 16 3.38 5.70 -11.34
C GLU A 16 4.90 5.70 -11.55
N ASP A 17 5.50 6.88 -11.45
CA ASP A 17 6.95 7.06 -11.51
C ASP A 17 7.59 6.41 -10.29
N PRO A 18 7.16 6.74 -9.05
CA PRO A 18 7.66 6.06 -7.86
C PRO A 18 7.20 4.59 -7.86
N GLN A 19 7.60 3.82 -6.83
CA GLN A 19 7.28 2.40 -6.75
C GLN A 19 5.77 2.14 -6.88
N PRO A 20 5.35 0.98 -7.42
CA PRO A 20 3.95 0.62 -7.52
C PRO A 20 3.19 0.86 -6.22
N GLN A 21 1.98 1.39 -6.32
CA GLN A 21 1.14 1.76 -5.18
C GLN A 21 0.11 0.67 -4.94
N CYS A 22 0.07 0.12 -3.73
CA CYS A 22 -0.89 -0.91 -3.33
C CYS A 22 -2.31 -0.50 -3.71
N GLN A 23 -3.11 -1.44 -4.23
CA GLN A 23 -4.45 -1.20 -4.72
C GLN A 23 -5.32 -0.33 -3.82
N HIS A 24 -5.34 -0.64 -2.52
CA HIS A 24 -6.26 -0.03 -1.57
C HIS A 24 -5.61 0.97 -0.60
N LEU A 25 -5.02 0.51 0.52
CA LEU A 25 -4.49 1.43 1.52
C LEU A 25 -3.21 0.92 2.21
N CYS A 26 -2.53 1.79 2.98
CA CYS A 26 -1.29 1.43 3.66
C CYS A 26 -1.14 2.18 4.99
N HIS A 27 -0.62 1.46 5.99
CA HIS A 27 -0.28 1.91 7.33
C HIS A 27 1.21 2.28 7.32
N ASN A 28 1.57 3.39 7.95
CA ASN A 28 2.97 3.83 8.05
C ASN A 28 3.55 3.38 9.39
N TYR A 29 4.82 2.97 9.41
CA TYR A 29 5.48 2.54 10.64
C TYR A 29 7.00 2.64 10.49
N VAL A 30 7.74 2.19 11.49
CA VAL A 30 9.19 2.16 11.44
C VAL A 30 9.64 1.24 10.31
N GLY A 31 10.79 1.53 9.70
CA GLY A 31 11.28 0.74 8.58
C GLY A 31 10.58 1.12 7.27
N GLY A 32 9.28 1.44 7.29
CA GLY A 32 8.57 1.77 6.06
C GLY A 32 7.06 1.85 6.23
N TYR A 33 6.32 1.06 5.45
CA TYR A 33 4.87 1.03 5.47
C TYR A 33 4.41 -0.36 5.06
N PHE A 34 3.23 -0.78 5.51
CA PHE A 34 2.62 -2.03 5.09
C PHE A 34 1.24 -1.74 4.59
N CYS A 35 0.80 -2.56 3.64
CA CYS A 35 -0.46 -2.41 2.96
C CYS A 35 -1.56 -3.26 3.58
N SER A 36 -2.79 -2.96 3.18
CA SER A 36 -4.03 -3.58 3.63
C SER A 36 -5.12 -3.20 2.63
N CYS A 37 -6.37 -3.56 2.91
CA CYS A 37 -7.48 -3.35 2.00
C CYS A 37 -8.65 -2.64 2.69
N ARG A 38 -9.58 -2.14 1.87
CA ARG A 38 -10.84 -1.60 2.35
C ARG A 38 -11.64 -2.81 2.87
N PRO A 39 -12.71 -2.60 3.66
CA PRO A 39 -13.48 -3.72 4.22
C PRO A 39 -13.96 -4.71 3.16
N GLY A 40 -14.25 -5.94 3.58
CA GLY A 40 -14.71 -7.01 2.71
C GLY A 40 -13.56 -7.67 1.95
N TYR A 41 -12.74 -6.84 1.31
CA TYR A 41 -11.62 -7.27 0.51
C TYR A 41 -10.46 -7.79 1.37
N GLU A 42 -9.47 -8.41 0.71
CA GLU A 42 -8.30 -9.00 1.35
C GLU A 42 -7.12 -8.93 0.40
N LEU A 43 -5.92 -8.82 0.98
CA LEU A 43 -4.69 -8.76 0.20
C LEU A 43 -4.36 -10.18 -0.25
N GLN A 44 -4.09 -10.33 -1.54
CA GLN A 44 -3.70 -11.62 -2.07
C GLN A 44 -2.21 -11.82 -1.83
N GLU A 45 -1.64 -12.95 -2.27
CA GLU A 45 -0.22 -13.26 -2.15
C GLU A 45 0.55 -12.44 -3.19
N ASP A 46 0.51 -11.12 -3.01
CA ASP A 46 1.09 -10.12 -3.89
C ASP A 46 1.44 -8.84 -3.13
N ARG A 47 0.94 -8.65 -1.89
CA ARG A 47 1.22 -7.48 -1.04
C ARG A 47 0.50 -6.20 -1.50
N HIS A 48 0.32 -6.01 -2.80
CA HIS A 48 -0.30 -4.83 -3.39
C HIS A 48 -1.75 -5.08 -3.78
N SER A 49 -2.00 -6.19 -4.46
CA SER A 49 -3.30 -6.49 -5.03
C SER A 49 -4.30 -7.07 -4.03
N CYS A 50 -5.43 -6.36 -3.85
CA CYS A 50 -6.54 -6.84 -3.02
C CYS A 50 -7.62 -7.40 -3.92
N GLN A 51 -8.37 -8.40 -3.43
CA GLN A 51 -9.54 -8.93 -4.11
C GLN A 51 -10.66 -9.10 -3.07
N ALA A 52 -11.86 -9.45 -3.52
CA ALA A 52 -13.04 -9.56 -2.68
C ALA A 52 -13.16 -10.93 -2.02
N GLU A 53 -12.03 -11.39 -1.51
CA GLU A 53 -11.79 -12.65 -0.82
C GLU A 53 -10.28 -12.72 -0.58
N ALA A 1 7.65 9.50 1.00
CA ALA A 1 8.73 10.05 0.16
C ALA A 1 8.24 11.29 -0.59
N VAL A 2 7.29 11.13 -1.52
CA VAL A 2 6.68 12.26 -2.22
C VAL A 2 5.62 12.79 -1.25
N ASP A 3 6.11 13.40 -0.17
CA ASP A 3 5.44 13.83 1.06
C ASP A 3 5.93 12.87 2.14
N LEU A 4 5.79 13.23 3.42
CA LEU A 4 6.17 12.35 4.52
C LEU A 4 5.54 10.97 4.39
N ASP A 5 4.31 10.97 3.90
CA ASP A 5 3.51 9.78 3.68
C ASP A 5 4.21 8.83 2.70
N GLU A 6 4.81 7.77 3.25
CA GLU A 6 5.50 6.75 2.48
C GLU A 6 4.57 6.10 1.47
N CYS A 7 3.57 5.33 1.90
CA CYS A 7 2.75 4.57 0.97
C CYS A 7 2.06 5.45 -0.07
N ALA A 8 1.57 6.64 0.32
CA ALA A 8 0.95 7.58 -0.61
C ALA A 8 1.89 7.89 -1.78
N SER A 9 3.20 7.88 -1.55
CA SER A 9 4.17 8.13 -2.61
C SER A 9 3.99 7.15 -3.77
N ARG A 10 3.46 5.94 -3.50
CA ARG A 10 3.22 4.93 -4.51
C ARG A 10 1.81 5.03 -5.12
N SER A 11 1.10 6.15 -4.92
CA SER A 11 -0.22 6.37 -5.49
C SER A 11 -1.18 5.20 -5.20
N LYS A 12 -1.36 4.91 -3.90
CA LYS A 12 -2.25 3.85 -3.44
C LYS A 12 -3.72 4.13 -3.78
N SER A 13 -4.10 3.88 -5.04
CA SER A 13 -5.47 4.03 -5.54
C SER A 13 -5.66 3.15 -6.77
N GLY A 14 -5.26 1.88 -6.69
CA GLY A 14 -5.36 0.94 -7.81
C GLY A 14 -6.77 0.36 -7.90
N GLU A 15 -7.78 1.23 -7.96
CA GLU A 15 -9.21 0.92 -7.96
C GLU A 15 -9.53 -0.34 -8.78
N GLU A 16 -9.60 -1.49 -8.10
CA GLU A 16 -9.82 -2.81 -8.66
C GLU A 16 -9.04 -2.99 -9.96
N ASP A 17 -7.73 -2.75 -9.87
CA ASP A 17 -6.77 -2.84 -10.95
C ASP A 17 -5.50 -3.42 -10.31
N PRO A 18 -5.49 -4.74 -10.06
CA PRO A 18 -4.39 -5.45 -9.43
C PRO A 18 -3.03 -5.06 -10.03
N GLN A 19 -2.02 -4.96 -9.18
CA GLN A 19 -0.69 -4.49 -9.54
C GLN A 19 0.25 -4.74 -8.37
N PRO A 20 1.58 -4.83 -8.58
CA PRO A 20 2.55 -5.01 -7.51
C PRO A 20 2.79 -3.65 -6.80
N GLN A 21 1.70 -3.00 -6.38
CA GLN A 21 1.67 -1.70 -5.76
C GLN A 21 0.38 -1.67 -4.96
N CYS A 22 0.44 -1.18 -3.72
CA CYS A 22 -0.65 -1.29 -2.76
C CYS A 22 -1.93 -0.63 -3.24
N GLN A 23 -2.85 -1.47 -3.70
CA GLN A 23 -4.11 -1.13 -4.33
C GLN A 23 -4.98 -0.15 -3.53
N HIS A 24 -5.33 -0.52 -2.30
CA HIS A 24 -6.29 0.19 -1.47
C HIS A 24 -5.63 1.17 -0.49
N LEU A 25 -5.16 0.69 0.66
CA LEU A 25 -4.57 1.57 1.66
C LEU A 25 -3.42 0.89 2.40
N CYS A 26 -2.74 1.64 3.26
CA CYS A 26 -1.57 1.17 3.97
C CYS A 26 -1.48 1.90 5.28
N HIS A 27 -0.51 1.46 6.10
CA HIS A 27 -0.16 2.00 7.39
C HIS A 27 1.33 2.32 7.28
N ASN A 28 1.73 3.56 7.56
CA ASN A 28 3.13 3.98 7.50
C ASN A 28 3.72 3.77 8.89
N TYR A 29 4.99 3.34 8.97
CA TYR A 29 5.64 3.05 10.25
C TYR A 29 7.15 2.97 10.07
N VAL A 30 7.87 2.73 11.17
CA VAL A 30 9.31 2.55 11.13
C VAL A 30 9.63 1.42 10.15
N GLY A 31 10.63 1.64 9.29
CA GLY A 31 11.00 0.68 8.26
C GLY A 31 10.30 1.03 6.94
N GLY A 32 9.14 1.70 6.97
CA GLY A 32 8.45 2.12 5.77
C GLY A 32 6.94 2.12 5.95
N TYR A 33 6.30 1.05 5.48
CA TYR A 33 4.85 0.89 5.52
C TYR A 33 4.48 -0.58 5.38
N PHE A 34 3.24 -0.91 5.74
CA PHE A 34 2.63 -2.22 5.56
C PHE A 34 1.22 -1.95 5.04
N CYS A 35 0.76 -2.73 4.06
CA CYS A 35 -0.48 -2.47 3.36
C CYS A 35 -1.65 -3.25 3.93
N SER A 36 -2.87 -2.88 3.50
CA SER A 36 -4.12 -3.50 3.92
C SER A 36 -5.17 -3.19 2.84
N CYS A 37 -6.40 -3.65 3.04
CA CYS A 37 -7.48 -3.45 2.08
C CYS A 37 -8.71 -2.87 2.76
N ARG A 38 -9.63 -2.36 1.95
CA ARG A 38 -10.91 -1.84 2.43
C ARG A 38 -11.73 -3.03 2.96
N PRO A 39 -12.72 -2.80 3.85
CA PRO A 39 -13.52 -3.91 4.34
C PRO A 39 -14.21 -4.62 3.18
N GLY A 40 -14.37 -5.93 3.32
CA GLY A 40 -14.95 -6.76 2.28
C GLY A 40 -13.96 -7.13 1.17
N TYR A 41 -12.65 -6.88 1.37
CA TYR A 41 -11.59 -7.25 0.44
C TYR A 41 -10.41 -7.80 1.22
N GLU A 42 -9.54 -8.56 0.55
CA GLU A 42 -8.37 -9.22 1.12
C GLU A 42 -7.19 -9.07 0.16
N LEU A 43 -5.98 -9.05 0.72
CA LEU A 43 -4.75 -8.96 -0.05
C LEU A 43 -4.41 -10.32 -0.64
N GLN A 44 -3.88 -10.30 -1.86
CA GLN A 44 -3.44 -11.50 -2.55
C GLN A 44 -1.97 -11.77 -2.24
N GLU A 45 -1.41 -12.85 -2.83
CA GLU A 45 -0.05 -13.30 -2.56
C GLU A 45 1.04 -12.25 -2.74
N ASP A 46 0.81 -11.25 -3.58
CA ASP A 46 1.77 -10.17 -3.81
C ASP A 46 1.81 -9.18 -2.65
N ARG A 47 0.82 -9.25 -1.76
CA ARG A 47 0.63 -8.37 -0.62
C ARG A 47 0.46 -6.91 -1.04
N HIS A 48 -0.02 -6.70 -2.26
CA HIS A 48 -0.23 -5.37 -2.80
C HIS A 48 -1.62 -5.26 -3.42
N SER A 49 -2.01 -6.28 -4.16
CA SER A 49 -3.29 -6.33 -4.85
C SER A 49 -4.39 -6.78 -3.90
N CYS A 50 -5.53 -6.09 -3.91
CA CYS A 50 -6.69 -6.39 -3.10
C CYS A 50 -7.84 -6.84 -3.99
N GLN A 51 -8.61 -7.83 -3.54
CA GLN A 51 -9.83 -8.25 -4.23
C GLN A 51 -10.82 -8.77 -3.21
N ALA A 52 -12.06 -8.98 -3.65
CA ALA A 52 -13.13 -9.46 -2.80
C ALA A 52 -12.92 -10.95 -2.55
N GLU A 53 -11.96 -11.20 -1.67
CA GLU A 53 -11.38 -12.47 -1.25
C GLU A 53 -10.19 -12.73 -2.17
N ALA A 1 7.86 5.00 7.31
CA ALA A 1 9.10 5.28 8.03
C ALA A 1 9.38 6.78 8.02
N VAL A 2 10.65 7.20 8.07
CA VAL A 2 11.03 8.61 8.08
C VAL A 2 10.50 9.36 6.85
N ASP A 3 10.35 8.68 5.72
CA ASP A 3 9.88 9.29 4.48
C ASP A 3 8.36 9.52 4.50
N LEU A 4 7.90 10.33 5.47
CA LEU A 4 6.53 10.75 5.65
C LEU A 4 5.54 9.58 5.51
N ASP A 5 4.43 9.83 4.82
CA ASP A 5 3.42 8.83 4.52
C ASP A 5 3.62 8.38 3.10
N GLU A 6 4.68 7.58 2.89
CA GLU A 6 5.02 6.93 1.62
C GLU A 6 3.75 6.44 0.91
N CYS A 7 2.82 5.88 1.69
CA CYS A 7 1.52 5.36 1.27
C CYS A 7 0.77 6.31 0.33
N ALA A 8 0.86 7.61 0.56
CA ALA A 8 0.20 8.60 -0.28
C ALA A 8 0.69 8.49 -1.73
N SER A 9 2.01 8.46 -1.90
CA SER A 9 2.66 8.36 -3.20
C SER A 9 2.58 6.93 -3.77
N ARG A 10 2.92 5.94 -2.94
CA ARG A 10 3.03 4.49 -3.17
C ARG A 10 3.79 4.10 -4.44
N SER A 11 3.30 4.48 -5.61
CA SER A 11 3.89 4.23 -6.91
C SER A 11 3.14 5.01 -8.00
N LYS A 12 2.58 6.18 -7.68
CA LYS A 12 1.86 7.01 -8.63
C LYS A 12 2.85 7.73 -9.55
N SER A 13 3.58 6.98 -10.39
CA SER A 13 4.59 7.49 -11.31
C SER A 13 3.95 8.12 -12.55
N GLY A 14 2.97 8.99 -12.35
CA GLY A 14 2.22 9.64 -13.41
C GLY A 14 1.56 8.60 -14.32
N GLU A 15 2.20 8.29 -15.44
CA GLU A 15 1.77 7.32 -16.43
C GLU A 15 2.82 6.22 -16.64
N GLU A 16 3.99 6.32 -16.00
CA GLU A 16 5.07 5.36 -16.16
C GLU A 16 4.79 4.09 -15.35
N ASP A 17 3.82 3.30 -15.82
CA ASP A 17 3.40 2.03 -15.24
C ASP A 17 3.13 2.15 -13.73
N PRO A 18 2.20 3.03 -13.32
CA PRO A 18 1.92 3.29 -11.92
C PRO A 18 1.07 2.19 -11.28
N GLN A 19 1.56 0.96 -11.25
CA GLN A 19 0.85 -0.16 -10.63
C GLN A 19 0.76 0.09 -9.13
N PRO A 20 -0.44 0.29 -8.54
CA PRO A 20 -0.62 0.63 -7.13
C PRO A 20 0.14 -0.27 -6.15
N GLN A 21 1.23 0.23 -5.56
CA GLN A 21 2.01 -0.46 -4.56
C GLN A 21 1.29 -0.32 -3.22
N CYS A 22 0.11 -0.93 -3.15
CA CYS A 22 -0.93 -0.94 -2.12
C CYS A 22 -2.20 -0.50 -2.84
N GLN A 23 -3.00 -1.45 -3.32
CA GLN A 23 -4.20 -1.18 -4.09
C GLN A 23 -5.14 -0.20 -3.40
N HIS A 24 -5.51 -0.50 -2.16
CA HIS A 24 -6.50 0.26 -1.42
C HIS A 24 -5.88 1.31 -0.50
N LEU A 25 -5.46 0.89 0.70
CA LEU A 25 -4.90 1.77 1.71
C LEU A 25 -3.71 1.11 2.39
N CYS A 26 -3.10 1.78 3.36
CA CYS A 26 -1.90 1.27 3.98
C CYS A 26 -1.88 1.72 5.44
N HIS A 27 -0.76 1.39 6.09
CA HIS A 27 -0.37 1.73 7.44
C HIS A 27 1.10 2.11 7.32
N ASN A 28 1.60 2.88 8.28
CA ASN A 28 2.98 3.38 8.29
C ASN A 28 3.72 2.76 9.46
N TYR A 29 5.05 2.63 9.33
CA TYR A 29 5.94 2.03 10.32
C TYR A 29 7.39 2.12 9.82
N VAL A 30 8.32 1.47 10.54
CA VAL A 30 9.71 1.38 10.18
C VAL A 30 9.90 0.59 8.89
N GLY A 31 11.04 0.77 8.22
CA GLY A 31 11.30 0.10 6.95
C GLY A 31 10.57 0.77 5.80
N GLY A 32 9.31 1.17 5.99
CA GLY A 32 8.53 1.82 4.95
C GLY A 32 7.08 1.99 5.36
N TYR A 33 6.20 1.17 4.79
CA TYR A 33 4.77 1.17 5.01
C TYR A 33 4.23 -0.21 4.63
N PHE A 34 3.06 -0.60 5.15
CA PHE A 34 2.45 -1.89 4.85
C PHE A 34 0.99 -1.70 4.47
N CYS A 35 0.53 -2.49 3.49
CA CYS A 35 -0.79 -2.36 2.89
C CYS A 35 -1.90 -3.06 3.68
N SER A 36 -3.14 -2.78 3.29
CA SER A 36 -4.38 -3.40 3.75
C SER A 36 -5.47 -3.03 2.75
N CYS A 37 -6.70 -3.47 3.00
CA CYS A 37 -7.84 -3.26 2.11
C CYS A 37 -9.06 -2.82 2.89
N ARG A 38 -10.05 -2.30 2.16
CA ARG A 38 -11.34 -1.91 2.72
C ARG A 38 -12.19 -3.18 2.86
N PRO A 39 -13.35 -3.14 3.52
CA PRO A 39 -14.17 -4.32 3.71
C PRO A 39 -14.57 -5.00 2.40
N GLY A 40 -14.87 -6.30 2.49
CA GLY A 40 -15.24 -7.13 1.34
C GLY A 40 -14.07 -7.36 0.39
N TYR A 41 -12.83 -7.15 0.86
CA TYR A 41 -11.62 -7.37 0.11
C TYR A 41 -10.55 -7.92 1.06
N GLU A 42 -9.64 -8.73 0.51
CA GLU A 42 -8.53 -9.35 1.21
C GLU A 42 -7.23 -8.93 0.51
N LEU A 43 -6.22 -8.61 1.32
CA LEU A 43 -4.90 -8.20 0.88
C LEU A 43 -4.16 -9.48 0.50
N GLN A 44 -3.72 -9.58 -0.77
CA GLN A 44 -3.13 -10.80 -1.30
C GLN A 44 -1.67 -11.01 -0.85
N GLU A 45 -1.16 -12.23 -1.05
CA GLU A 45 0.18 -12.65 -0.66
C GLU A 45 1.31 -11.83 -1.31
N ASP A 46 1.02 -11.08 -2.37
CA ASP A 46 1.98 -10.22 -3.04
C ASP A 46 2.06 -8.85 -2.34
N ARG A 47 1.24 -8.67 -1.30
CA ARG A 47 1.20 -7.50 -0.46
C ARG A 47 0.50 -6.29 -1.10
N HIS A 48 0.72 -6.05 -2.38
CA HIS A 48 0.22 -4.86 -3.04
C HIS A 48 -1.24 -5.00 -3.45
N SER A 49 -1.61 -6.11 -4.08
CA SER A 49 -2.95 -6.26 -4.61
C SER A 49 -4.01 -6.60 -3.55
N CYS A 50 -5.22 -6.06 -3.74
CA CYS A 50 -6.41 -6.33 -2.94
C CYS A 50 -7.39 -7.00 -3.88
N GLN A 51 -7.94 -8.16 -3.51
CA GLN A 51 -9.01 -8.78 -4.30
C GLN A 51 -10.24 -8.93 -3.44
N ALA A 52 -11.39 -9.12 -4.08
CA ALA A 52 -12.69 -9.18 -3.43
C ALA A 52 -12.88 -10.55 -2.80
N GLU A 53 -12.99 -10.62 -1.47
CA GLU A 53 -13.16 -11.82 -0.68
C GLU A 53 -13.85 -11.38 0.61
N ALA A 1 7.86 7.25 11.72
CA ALA A 1 8.89 7.47 12.74
C ALA A 1 10.20 7.77 12.02
N VAL A 2 11.17 6.85 12.01
CA VAL A 2 12.35 7.02 11.16
C VAL A 2 11.86 7.08 9.71
N ASP A 3 10.84 6.26 9.42
CA ASP A 3 10.10 6.27 8.17
C ASP A 3 9.21 7.51 8.16
N LEU A 4 9.13 8.18 7.01
CA LEU A 4 8.28 9.32 6.78
C LEU A 4 6.95 8.79 6.21
N ASP A 5 6.18 9.64 5.50
CA ASP A 5 4.96 9.17 4.86
C ASP A 5 5.37 8.47 3.56
N GLU A 6 5.97 7.28 3.70
CA GLU A 6 6.46 6.47 2.60
C GLU A 6 5.39 6.33 1.51
N CYS A 7 4.14 6.12 1.91
CA CYS A 7 3.01 6.00 1.00
C CYS A 7 2.16 7.28 1.01
N ALA A 8 2.78 8.42 0.69
CA ALA A 8 2.11 9.70 0.60
C ALA A 8 1.26 9.78 -0.68
N SER A 9 0.21 8.97 -0.75
CA SER A 9 -0.73 8.87 -1.87
C SER A 9 -0.10 8.26 -3.13
N ARG A 10 0.98 8.87 -3.64
CA ARG A 10 1.77 8.44 -4.77
C ARG A 10 1.04 8.58 -6.12
N SER A 11 -0.09 7.90 -6.28
CA SER A 11 -0.85 7.88 -7.52
C SER A 11 -2.27 7.35 -7.27
N LYS A 12 -2.96 7.05 -8.37
CA LYS A 12 -4.30 6.49 -8.41
C LYS A 12 -4.21 5.02 -7.99
N SER A 13 -3.93 4.83 -6.70
CA SER A 13 -3.72 3.58 -6.00
C SER A 13 -4.53 2.41 -6.56
N GLY A 14 -5.83 2.65 -6.73
CA GLY A 14 -6.80 1.70 -7.28
C GLY A 14 -6.27 0.88 -8.46
N GLU A 15 -5.58 1.53 -9.41
CA GLU A 15 -5.09 0.88 -10.61
C GLU A 15 -3.81 0.07 -10.40
N GLU A 16 -3.07 0.31 -9.31
CA GLU A 16 -1.80 -0.35 -8.96
C GLU A 16 -0.92 -0.62 -10.21
N ASP A 17 -0.72 0.44 -11.00
CA ASP A 17 0.01 0.39 -12.26
C ASP A 17 0.80 1.68 -12.51
N PRO A 18 0.18 2.87 -12.59
CA PRO A 18 0.90 4.13 -12.75
C PRO A 18 1.62 4.44 -11.42
N GLN A 19 2.73 3.73 -11.19
CA GLN A 19 3.57 3.63 -10.01
C GLN A 19 3.16 2.32 -9.30
N PRO A 20 4.10 1.53 -8.78
CA PRO A 20 3.81 0.27 -8.10
C PRO A 20 3.22 0.56 -6.72
N GLN A 21 1.96 1.02 -6.69
CA GLN A 21 1.23 1.36 -5.48
C GLN A 21 0.31 0.22 -5.06
N CYS A 22 0.00 0.15 -3.77
CA CYS A 22 -1.00 -0.78 -3.24
C CYS A 22 -2.36 -0.39 -3.81
N GLN A 23 -3.22 -1.36 -4.09
CA GLN A 23 -4.53 -1.12 -4.66
C GLN A 23 -5.37 -0.17 -3.81
N HIS A 24 -5.61 -0.54 -2.55
CA HIS A 24 -6.52 0.19 -1.67
C HIS A 24 -5.77 1.20 -0.79
N LEU A 25 -5.37 0.80 0.43
CA LEU A 25 -4.76 1.75 1.37
C LEU A 25 -3.48 1.23 2.02
N CYS A 26 -2.64 2.18 2.43
CA CYS A 26 -1.33 1.96 3.05
C CYS A 26 -1.35 2.40 4.51
N HIS A 27 -0.29 2.05 5.24
CA HIS A 27 0.03 2.49 6.59
C HIS A 27 1.54 2.59 6.62
N ASN A 28 2.10 3.59 7.30
CA ASN A 28 3.54 3.82 7.39
C ASN A 28 4.01 3.39 8.78
N TYR A 29 5.21 2.81 8.90
CA TYR A 29 5.74 2.34 10.18
C TYR A 29 7.23 2.00 10.06
N VAL A 30 7.85 1.59 11.17
CA VAL A 30 9.24 1.18 11.13
C VAL A 30 9.36 -0.03 10.22
N GLY A 31 10.42 -0.07 9.41
CA GLY A 31 10.57 -1.06 8.36
C GLY A 31 10.05 -0.47 7.06
N GLY A 32 9.21 0.58 7.12
CA GLY A 32 8.73 1.26 5.92
C GLY A 32 7.22 1.50 5.94
N TYR A 33 6.48 0.60 5.32
CA TYR A 33 5.04 0.70 5.20
C TYR A 33 4.41 -0.64 4.90
N PHE A 34 3.15 -0.81 5.28
CA PHE A 34 2.33 -1.95 4.94
C PHE A 34 1.05 -1.42 4.31
N CYS A 35 0.17 -2.33 3.92
CA CYS A 35 -1.08 -2.01 3.26
C CYS A 35 -2.18 -2.93 3.73
N SER A 36 -3.41 -2.56 3.37
CA SER A 36 -4.62 -3.30 3.67
C SER A 36 -5.68 -2.88 2.65
N CYS A 37 -6.84 -3.53 2.72
CA CYS A 37 -7.93 -3.31 1.79
C CYS A 37 -9.16 -2.81 2.52
N ARG A 38 -10.16 -2.39 1.75
CA ARG A 38 -11.48 -2.06 2.27
C ARG A 38 -12.03 -3.31 2.98
N PRO A 39 -12.99 -3.18 3.91
CA PRO A 39 -13.53 -4.33 4.62
C PRO A 39 -14.01 -5.41 3.64
N GLY A 40 -14.01 -6.66 4.08
CA GLY A 40 -14.39 -7.81 3.26
C GLY A 40 -13.28 -8.22 2.31
N TYR A 41 -12.70 -7.26 1.57
CA TYR A 41 -11.66 -7.54 0.59
C TYR A 41 -10.42 -8.15 1.25
N GLU A 42 -9.71 -8.99 0.49
CA GLU A 42 -8.52 -9.72 0.90
C GLU A 42 -7.32 -9.12 0.19
N LEU A 43 -6.18 -9.01 0.89
CA LEU A 43 -4.92 -8.51 0.35
C LEU A 43 -4.07 -9.72 -0.03
N GLN A 44 -3.62 -9.82 -1.28
CA GLN A 44 -2.88 -10.97 -1.73
C GLN A 44 -1.46 -10.96 -1.17
N GLU A 45 -0.76 -12.08 -1.36
CA GLU A 45 0.58 -12.34 -0.84
C GLU A 45 1.62 -11.31 -1.29
N ASP A 46 1.37 -10.65 -2.43
CA ASP A 46 2.24 -9.62 -2.98
C ASP A 46 2.15 -8.33 -2.16
N ARG A 47 1.14 -8.22 -1.29
CA ARG A 47 0.95 -7.11 -0.36
C ARG A 47 0.43 -5.81 -0.98
N HIS A 48 0.26 -5.78 -2.30
CA HIS A 48 -0.22 -4.59 -3.00
C HIS A 48 -1.64 -4.82 -3.51
N SER A 49 -1.86 -5.97 -4.16
CA SER A 49 -3.12 -6.29 -4.80
C SER A 49 -4.19 -6.70 -3.80
N CYS A 50 -5.40 -6.14 -3.97
CA CYS A 50 -6.58 -6.45 -3.18
C CYS A 50 -7.59 -7.17 -4.07
N GLN A 51 -8.42 -8.05 -3.51
CA GLN A 51 -9.49 -8.70 -4.25
C GLN A 51 -10.72 -8.83 -3.38
N ALA A 52 -11.82 -9.12 -4.05
CA ALA A 52 -13.12 -9.30 -3.43
C ALA A 52 -13.22 -10.70 -2.85
N GLU A 53 -12.61 -10.86 -1.67
CA GLU A 53 -12.57 -12.07 -0.86
C GLU A 53 -11.66 -13.12 -1.52
N ALA A 1 1.41 11.58 -1.19
CA ALA A 1 1.89 12.39 -2.32
C ALA A 1 2.84 13.46 -1.80
N VAL A 2 4.15 13.19 -1.81
CA VAL A 2 5.21 14.07 -1.31
C VAL A 2 5.20 14.08 0.23
N ASP A 3 4.03 14.34 0.82
CA ASP A 3 3.79 14.33 2.25
C ASP A 3 4.23 13.00 2.90
N LEU A 4 4.33 13.01 4.23
CA LEU A 4 4.81 11.90 5.03
C LEU A 4 4.02 10.59 4.95
N ASP A 5 2.84 10.60 4.34
CA ASP A 5 2.04 9.39 4.19
C ASP A 5 2.66 8.55 3.07
N GLU A 6 3.76 7.88 3.39
CA GLU A 6 4.53 7.03 2.49
C GLU A 6 3.63 6.21 1.57
N CYS A 7 2.64 5.54 2.16
CA CYS A 7 1.63 4.76 1.42
C CYS A 7 1.14 5.49 0.16
N ALA A 8 0.81 6.77 0.34
CA ALA A 8 0.27 7.65 -0.68
C ALA A 8 1.33 8.40 -1.47
N SER A 9 2.61 8.27 -1.11
CA SER A 9 3.71 8.96 -1.77
C SER A 9 4.53 8.01 -2.64
N ARG A 10 4.59 6.72 -2.30
CA ARG A 10 5.37 5.76 -3.09
C ARG A 10 4.63 5.32 -4.36
N SER A 11 4.11 6.29 -5.12
CA SER A 11 3.37 6.09 -6.35
C SER A 11 4.31 5.82 -7.52
N LYS A 12 5.12 4.76 -7.43
CA LYS A 12 6.04 4.37 -8.49
C LYS A 12 5.96 2.85 -8.65
N SER A 13 6.10 2.34 -9.87
CA SER A 13 5.98 0.94 -10.21
C SER A 13 7.18 0.09 -9.74
N GLY A 14 7.54 0.15 -8.45
CA GLY A 14 8.64 -0.64 -7.89
C GLY A 14 10.03 -0.08 -8.24
N GLU A 15 10.23 0.29 -9.50
CA GLU A 15 11.45 0.86 -10.06
C GLU A 15 12.00 1.95 -9.12
N GLU A 16 13.10 1.64 -8.42
CA GLU A 16 13.74 2.51 -7.45
C GLU A 16 12.73 3.06 -6.44
N ASP A 17 11.88 2.17 -5.95
CA ASP A 17 10.82 2.46 -4.99
C ASP A 17 10.37 1.17 -4.31
N PRO A 18 11.14 0.63 -3.34
CA PRO A 18 10.77 -0.59 -2.65
C PRO A 18 9.45 -0.38 -1.90
N GLN A 19 8.67 -1.45 -1.73
CA GLN A 19 7.34 -1.41 -1.11
C GLN A 19 6.52 -0.27 -1.75
N PRO A 20 6.23 -0.38 -3.05
CA PRO A 20 5.48 0.60 -3.82
C PRO A 20 4.03 0.69 -3.37
N GLN A 21 3.28 1.65 -3.93
CA GLN A 21 1.88 1.91 -3.59
C GLN A 21 0.99 0.68 -3.77
N CYS A 22 0.36 0.24 -2.68
CA CYS A 22 -0.56 -0.90 -2.66
C CYS A 22 -1.91 -0.50 -3.29
N GLN A 23 -2.76 -1.48 -3.63
CA GLN A 23 -4.00 -1.25 -4.31
C GLN A 23 -4.97 -0.38 -3.50
N HIS A 24 -5.08 -0.62 -2.18
CA HIS A 24 -6.00 0.11 -1.32
C HIS A 24 -5.28 1.09 -0.39
N LEU A 25 -4.89 0.64 0.81
CA LEU A 25 -4.29 1.52 1.81
C LEU A 25 -3.21 0.79 2.61
N CYS A 26 -2.58 1.52 3.53
CA CYS A 26 -1.48 0.99 4.31
C CYS A 26 -1.46 1.68 5.66
N HIS A 27 -0.56 1.21 6.51
CA HIS A 27 -0.26 1.75 7.82
C HIS A 27 1.22 2.05 7.76
N ASN A 28 1.62 3.31 7.98
CA ASN A 28 3.03 3.68 7.89
C ASN A 28 3.76 3.32 9.18
N TYR A 29 5.07 3.05 9.06
CA TYR A 29 5.94 2.64 10.15
C TYR A 29 7.40 2.62 9.67
N VAL A 30 8.32 2.16 10.53
CA VAL A 30 9.72 2.07 10.20
C VAL A 30 9.93 1.27 8.91
N GLY A 31 10.80 1.77 8.02
CA GLY A 31 11.06 1.16 6.73
C GLY A 31 10.08 1.64 5.67
N GLY A 32 8.86 2.04 6.06
CA GLY A 32 7.87 2.49 5.09
C GLY A 32 6.46 2.31 5.62
N TYR A 33 5.85 1.19 5.26
CA TYR A 33 4.48 0.90 5.61
C TYR A 33 4.15 -0.58 5.35
N PHE A 34 3.12 -1.08 6.01
CA PHE A 34 2.56 -2.40 5.80
C PHE A 34 1.14 -2.16 5.28
N CYS A 35 0.72 -2.91 4.26
CA CYS A 35 -0.53 -2.68 3.56
C CYS A 35 -1.72 -3.41 4.15
N SER A 36 -2.91 -3.01 3.71
CA SER A 36 -4.21 -3.57 4.10
C SER A 36 -5.24 -3.15 3.05
N CYS A 37 -6.49 -3.59 3.23
CA CYS A 37 -7.57 -3.32 2.30
C CYS A 37 -8.83 -2.89 3.04
N ARG A 38 -9.77 -2.32 2.30
CA ARG A 38 -11.10 -1.97 2.78
C ARG A 38 -11.89 -3.27 2.96
N PRO A 39 -12.95 -3.30 3.79
CA PRO A 39 -13.74 -4.51 3.95
C PRO A 39 -14.37 -4.93 2.62
N GLY A 40 -14.66 -6.22 2.51
CA GLY A 40 -15.19 -6.82 1.29
C GLY A 40 -14.08 -6.98 0.23
N TYR A 41 -12.81 -6.92 0.66
CA TYR A 41 -11.64 -7.12 -0.15
C TYR A 41 -10.60 -7.82 0.72
N GLU A 42 -9.54 -8.36 0.11
CA GLU A 42 -8.54 -9.16 0.80
C GLU A 42 -7.16 -8.98 0.20
N LEU A 43 -6.22 -8.55 1.06
CA LEU A 43 -4.83 -8.30 0.75
C LEU A 43 -4.21 -9.68 0.47
N GLN A 44 -4.01 -9.98 -0.81
CA GLN A 44 -3.55 -11.30 -1.23
C GLN A 44 -2.05 -11.47 -1.02
N GLU A 45 -1.54 -12.68 -1.29
CA GLU A 45 -0.12 -13.02 -1.21
C GLU A 45 0.76 -12.16 -2.13
N ASP A 46 0.16 -11.37 -3.01
CA ASP A 46 0.87 -10.42 -3.87
C ASP A 46 1.36 -9.24 -3.03
N ARG A 47 0.84 -9.08 -1.81
CA ARG A 47 1.16 -8.02 -0.85
C ARG A 47 0.55 -6.69 -1.23
N HIS A 48 0.40 -6.41 -2.53
CA HIS A 48 -0.16 -5.16 -3.01
C HIS A 48 -1.60 -5.30 -3.46
N SER A 49 -1.93 -6.43 -4.10
CA SER A 49 -3.24 -6.70 -4.66
C SER A 49 -4.31 -7.00 -3.61
N CYS A 50 -5.39 -6.19 -3.60
CA CYS A 50 -6.57 -6.42 -2.78
C CYS A 50 -7.62 -7.05 -3.66
N GLN A 51 -7.79 -8.38 -3.57
CA GLN A 51 -8.87 -9.01 -4.34
C GLN A 51 -10.20 -8.62 -3.68
N ALA A 52 -11.31 -8.84 -4.37
CA ALA A 52 -12.64 -8.59 -3.85
C ALA A 52 -13.16 -9.92 -3.32
N GLU A 53 -13.30 -10.06 -1.99
CA GLU A 53 -13.71 -11.28 -1.32
C GLU A 53 -14.43 -10.84 -0.05
N ALA A 1 14.91 7.99 -3.44
CA ALA A 1 14.60 6.83 -2.58
C ALA A 1 13.08 6.77 -2.42
N VAL A 2 12.55 6.08 -1.41
CA VAL A 2 11.12 6.01 -1.15
C VAL A 2 10.67 7.32 -0.47
N ASP A 3 10.91 8.45 -1.14
CA ASP A 3 10.63 9.78 -0.64
C ASP A 3 9.13 10.07 -0.75
N LEU A 4 8.33 9.39 0.05
CA LEU A 4 6.88 9.53 0.09
C LEU A 4 6.38 9.17 1.48
N ASP A 5 5.09 9.41 1.75
CA ASP A 5 4.45 9.11 3.02
C ASP A 5 3.32 8.12 2.76
N GLU A 6 3.18 7.16 3.68
CA GLU A 6 2.21 6.08 3.72
C GLU A 6 1.85 5.53 2.35
N CYS A 7 2.85 5.42 1.47
CA CYS A 7 2.68 4.86 0.14
C CYS A 7 1.59 5.57 -0.68
N ALA A 8 1.18 6.77 -0.26
CA ALA A 8 0.14 7.56 -0.89
C ALA A 8 0.74 8.49 -1.93
N SER A 9 1.85 9.13 -1.59
CA SER A 9 2.54 10.10 -2.44
C SER A 9 3.24 9.42 -3.62
N ARG A 10 2.49 8.78 -4.52
CA ARG A 10 3.04 8.10 -5.68
C ARG A 10 2.01 7.98 -6.80
N SER A 11 2.49 7.86 -8.03
CA SER A 11 1.71 7.72 -9.24
C SER A 11 1.14 6.29 -9.33
N LYS A 12 0.22 5.96 -8.40
CA LYS A 12 -0.45 4.67 -8.36
C LYS A 12 -1.03 4.34 -9.74
N SER A 13 -0.39 3.40 -10.45
CA SER A 13 -0.75 3.01 -11.81
C SER A 13 -0.97 4.23 -12.70
N GLY A 14 -0.04 5.21 -12.64
CA GLY A 14 -0.14 6.45 -13.38
C GLY A 14 0.04 6.29 -14.90
N GLU A 15 -0.93 5.64 -15.55
CA GLU A 15 -0.96 5.38 -16.99
C GLU A 15 0.34 4.73 -17.46
N GLU A 16 1.28 5.51 -18.00
CA GLU A 16 2.57 5.01 -18.47
C GLU A 16 3.51 4.80 -17.27
N ASP A 17 3.04 4.03 -16.29
CA ASP A 17 3.76 3.73 -15.05
C ASP A 17 3.03 2.58 -14.36
N PRO A 18 3.41 1.32 -14.64
CA PRO A 18 2.75 0.15 -14.06
C PRO A 18 3.15 0.00 -12.59
N GLN A 19 2.61 0.87 -11.74
CA GLN A 19 2.88 0.92 -10.30
C GLN A 19 1.60 0.67 -9.49
N PRO A 20 1.11 -0.57 -9.40
CA PRO A 20 -0.07 -0.92 -8.61
C PRO A 20 0.33 -1.07 -7.14
N GLN A 21 1.11 -0.10 -6.63
CA GLN A 21 1.66 -0.14 -5.29
C GLN A 21 0.64 0.28 -4.24
N CYS A 22 -0.20 -0.70 -3.90
CA CYS A 22 -1.22 -0.69 -2.88
C CYS A 22 -2.55 -0.20 -3.42
N GLN A 23 -3.35 -1.17 -3.86
CA GLN A 23 -4.64 -0.96 -4.48
C GLN A 23 -5.63 -0.21 -3.57
N HIS A 24 -5.60 -0.46 -2.27
CA HIS A 24 -6.54 0.14 -1.34
C HIS A 24 -5.87 1.15 -0.41
N LEU A 25 -5.32 0.73 0.74
CA LEU A 25 -4.68 1.68 1.65
C LEU A 25 -3.48 1.08 2.39
N CYS A 26 -2.65 1.97 2.93
CA CYS A 26 -1.38 1.69 3.60
C CYS A 26 -1.34 2.28 5.00
N HIS A 27 -0.39 1.81 5.80
CA HIS A 27 -0.07 2.31 7.13
C HIS A 27 1.46 2.40 7.18
N ASN A 28 2.05 3.54 7.57
CA ASN A 28 3.50 3.58 7.71
C ASN A 28 3.92 2.78 8.95
N TYR A 29 5.20 2.42 8.99
CA TYR A 29 5.86 1.69 10.07
C TYR A 29 7.36 1.60 9.76
N VAL A 30 8.13 1.01 10.66
CA VAL A 30 9.53 0.78 10.46
C VAL A 30 9.72 -0.01 9.16
N GLY A 31 10.66 0.40 8.32
CA GLY A 31 10.88 -0.23 7.03
C GLY A 31 10.11 0.49 5.93
N GLY A 32 9.02 1.19 6.26
CA GLY A 32 8.26 1.96 5.27
C GLY A 32 6.77 2.00 5.58
N TYR A 33 6.04 1.03 5.04
CA TYR A 33 4.60 0.91 5.20
C TYR A 33 4.14 -0.51 4.84
N PHE A 34 2.98 -0.88 5.35
CA PHE A 34 2.30 -2.14 5.05
C PHE A 34 0.89 -1.79 4.57
N CYS A 35 0.31 -2.64 3.71
CA CYS A 35 -1.02 -2.44 3.16
C CYS A 35 -2.11 -3.10 4.01
N SER A 36 -3.34 -2.76 3.66
CA SER A 36 -4.59 -3.33 4.14
C SER A 36 -5.63 -2.97 3.07
N CYS A 37 -6.86 -3.47 3.23
CA CYS A 37 -7.92 -3.26 2.25
C CYS A 37 -9.20 -2.77 2.91
N ARG A 38 -10.08 -2.20 2.09
CA ARG A 38 -11.42 -1.85 2.49
C ARG A 38 -12.19 -3.17 2.74
N PRO A 39 -13.22 -3.17 3.61
CA PRO A 39 -13.96 -4.39 3.88
C PRO A 39 -14.50 -5.01 2.60
N GLY A 40 -14.64 -6.34 2.60
CA GLY A 40 -15.08 -7.11 1.45
C GLY A 40 -13.92 -7.51 0.53
N TYR A 41 -12.70 -7.03 0.80
CA TYR A 41 -11.50 -7.36 0.05
C TYR A 41 -10.44 -7.87 1.02
N GLU A 42 -9.54 -8.71 0.52
CA GLU A 42 -8.46 -9.33 1.26
C GLU A 42 -7.16 -8.92 0.59
N LEU A 43 -6.08 -8.81 1.36
CA LEU A 43 -4.76 -8.40 0.92
C LEU A 43 -3.96 -9.65 0.59
N GLN A 44 -3.72 -9.93 -0.70
CA GLN A 44 -3.05 -11.17 -1.11
C GLN A 44 -1.55 -11.11 -0.82
N GLU A 45 -0.89 -12.26 -0.98
CA GLU A 45 0.52 -12.51 -0.65
C GLU A 45 1.52 -11.54 -1.28
N ASP A 46 1.15 -10.92 -2.40
CA ASP A 46 2.00 -9.95 -3.09
C ASP A 46 2.07 -8.64 -2.31
N ARG A 47 1.15 -8.45 -1.36
CA ARG A 47 1.04 -7.37 -0.40
C ARG A 47 0.75 -5.97 -0.97
N HIS A 48 0.30 -5.90 -2.22
CA HIS A 48 -0.08 -4.64 -2.87
C HIS A 48 -1.49 -4.78 -3.46
N SER A 49 -1.87 -5.99 -3.86
CA SER A 49 -3.17 -6.27 -4.47
C SER A 49 -4.20 -6.55 -3.39
N CYS A 50 -5.36 -5.90 -3.49
CA CYS A 50 -6.50 -6.14 -2.62
C CYS A 50 -7.63 -6.69 -3.48
N GLN A 51 -7.73 -8.02 -3.58
CA GLN A 51 -8.78 -8.65 -4.36
C GLN A 51 -9.96 -8.96 -3.47
N ALA A 52 -11.11 -9.23 -4.09
CA ALA A 52 -12.30 -9.68 -3.38
C ALA A 52 -12.16 -11.19 -3.22
N GLU A 53 -11.18 -11.54 -2.39
CA GLU A 53 -10.62 -12.85 -2.05
C GLU A 53 -9.30 -13.03 -2.81
N ALA A 1 16.96 3.83 -4.10
CA ALA A 1 17.97 4.57 -3.32
C ALA A 1 17.28 5.77 -2.71
N VAL A 2 17.12 5.79 -1.37
CA VAL A 2 16.43 6.84 -0.62
C VAL A 2 15.09 7.24 -1.24
N ASP A 3 14.37 6.29 -1.85
CA ASP A 3 13.04 6.54 -2.40
C ASP A 3 12.06 6.46 -1.22
N LEU A 4 12.19 7.40 -0.29
CA LEU A 4 11.42 7.42 0.94
C LEU A 4 9.97 7.83 0.70
N ASP A 5 9.10 7.30 1.56
CA ASP A 5 7.69 7.61 1.65
C ASP A 5 6.90 7.51 0.34
N GLU A 6 6.94 6.32 -0.26
CA GLU A 6 5.99 5.89 -1.29
C GLU A 6 4.61 6.10 -0.64
N CYS A 7 4.53 5.45 0.51
CA CYS A 7 3.56 5.42 1.59
C CYS A 7 4.25 4.56 2.66
N ALA A 8 5.57 4.76 2.76
CA ALA A 8 6.50 3.92 3.47
C ALA A 8 7.72 4.68 3.96
N SER A 9 7.80 4.87 5.27
CA SER A 9 8.91 5.53 5.93
C SER A 9 10.10 4.57 6.03
N ARG A 10 10.60 4.13 4.86
CA ARG A 10 11.72 3.21 4.72
C ARG A 10 12.99 3.79 5.34
N SER A 11 13.14 3.60 6.65
CA SER A 11 14.22 4.13 7.47
C SER A 11 15.61 3.52 7.19
N LYS A 12 15.85 3.02 5.97
CA LYS A 12 17.06 2.40 5.52
C LYS A 12 16.86 2.03 4.04
N SER A 13 17.92 2.13 3.23
CA SER A 13 17.97 1.79 1.80
C SER A 13 17.09 2.67 0.90
N GLY A 14 15.78 2.57 1.09
CA GLY A 14 14.78 3.24 0.30
C GLY A 14 14.90 2.76 -1.16
N GLU A 15 14.69 1.46 -1.38
CA GLU A 15 14.78 0.84 -2.69
C GLU A 15 13.77 1.44 -3.67
N GLU A 16 13.98 1.18 -4.96
CA GLU A 16 13.19 1.71 -6.07
C GLU A 16 11.77 1.13 -6.08
N ASP A 17 10.96 1.53 -5.10
CA ASP A 17 9.58 1.10 -4.94
C ASP A 17 8.67 2.32 -4.69
N PRO A 18 8.64 3.32 -5.60
CA PRO A 18 7.82 4.52 -5.44
C PRO A 18 6.36 4.28 -5.87
N GLN A 19 5.49 5.22 -5.47
CA GLN A 19 4.05 5.27 -5.75
C GLN A 19 3.29 4.19 -4.97
N PRO A 20 2.19 4.51 -4.26
CA PRO A 20 1.41 3.53 -3.51
C PRO A 20 1.00 2.33 -4.38
N GLN A 21 1.74 1.21 -4.29
CA GLN A 21 1.44 0.04 -5.10
C GLN A 21 0.24 -0.74 -4.56
N CYS A 22 -0.11 -0.53 -3.28
CA CYS A 22 -1.21 -1.22 -2.62
C CYS A 22 -2.55 -0.73 -3.15
N GLN A 23 -3.40 -1.65 -3.59
CA GLN A 23 -4.69 -1.40 -4.20
C GLN A 23 -5.50 -0.24 -3.59
N HIS A 24 -5.78 -0.30 -2.27
CA HIS A 24 -6.58 0.74 -1.61
C HIS A 24 -5.71 1.62 -0.72
N LEU A 25 -5.22 1.08 0.40
CA LEU A 25 -4.49 1.90 1.37
C LEU A 25 -3.29 1.20 2.02
N CYS A 26 -2.31 2.02 2.39
CA CYS A 26 -1.08 1.62 3.06
C CYS A 26 -1.12 2.09 4.50
N HIS A 27 -0.11 1.71 5.27
CA HIS A 27 0.17 2.17 6.61
C HIS A 27 1.69 2.19 6.73
N ASN A 28 2.26 3.35 6.98
CA ASN A 28 3.70 3.52 7.11
C ASN A 28 4.11 3.08 8.51
N TYR A 29 5.39 2.72 8.68
CA TYR A 29 5.97 2.41 9.98
C TYR A 29 7.50 2.39 9.82
N VAL A 30 8.23 2.28 10.93
CA VAL A 30 9.66 2.21 10.90
C VAL A 30 10.09 1.05 10.00
N GLY A 31 11.08 1.28 9.15
CA GLY A 31 11.54 0.27 8.21
C GLY A 31 10.73 0.29 6.91
N GLY A 32 9.52 0.86 6.88
CA GLY A 32 8.77 0.93 5.63
C GLY A 32 7.26 1.07 5.77
N TYR A 33 6.52 0.05 5.31
CA TYR A 33 5.06 0.06 5.25
C TYR A 33 4.48 -1.34 5.31
N PHE A 34 3.17 -1.37 5.52
CA PHE A 34 2.28 -2.51 5.43
C PHE A 34 1.01 -1.91 4.79
N CYS A 35 0.00 -2.73 4.49
CA CYS A 35 -1.19 -2.25 3.79
C CYS A 35 -2.42 -3.02 4.20
N SER A 36 -3.57 -2.55 3.73
CA SER A 36 -4.87 -3.18 3.94
C SER A 36 -5.81 -2.66 2.86
N CYS A 37 -7.07 -3.03 2.98
CA CYS A 37 -8.11 -2.70 2.03
C CYS A 37 -9.45 -2.52 2.73
N ARG A 38 -10.43 -2.06 1.97
CA ARG A 38 -11.81 -1.91 2.43
C ARG A 38 -12.31 -3.28 2.89
N PRO A 39 -13.29 -3.35 3.82
CA PRO A 39 -13.82 -4.61 4.28
C PRO A 39 -14.34 -5.47 3.11
N GLY A 40 -14.42 -6.77 3.34
CA GLY A 40 -14.81 -7.73 2.31
C GLY A 40 -13.61 -8.10 1.45
N TYR A 41 -12.88 -7.09 0.94
CA TYR A 41 -11.70 -7.33 0.12
C TYR A 41 -10.62 -8.07 0.91
N GLU A 42 -9.77 -8.83 0.22
CA GLU A 42 -8.73 -9.66 0.84
C GLU A 42 -7.36 -9.45 0.20
N LEU A 43 -6.47 -8.74 0.91
CA LEU A 43 -5.11 -8.40 0.49
C LEU A 43 -4.21 -9.62 0.24
N GLN A 44 -3.62 -9.70 -0.96
CA GLN A 44 -2.67 -10.73 -1.39
C GLN A 44 -1.50 -10.08 -2.17
N GLU A 45 -0.75 -10.96 -2.84
CA GLU A 45 0.38 -10.69 -3.71
C GLU A 45 1.40 -9.77 -3.09
N ASP A 46 2.10 -10.35 -2.11
CA ASP A 46 3.16 -9.68 -1.37
C ASP A 46 2.60 -8.44 -0.68
N ARG A 47 1.29 -8.47 -0.41
CA ARG A 47 0.53 -7.41 0.22
C ARG A 47 0.46 -6.17 -0.64
N HIS A 48 -0.18 -6.32 -1.79
CA HIS A 48 -0.45 -5.22 -2.69
C HIS A 48 -1.79 -5.37 -3.41
N SER A 49 -2.16 -6.61 -3.75
CA SER A 49 -3.34 -6.88 -4.58
C SER A 49 -4.49 -7.46 -3.78
N CYS A 50 -5.58 -6.72 -3.62
CA CYS A 50 -6.73 -7.17 -2.86
C CYS A 50 -7.77 -7.84 -3.74
N GLN A 51 -8.15 -9.08 -3.40
CA GLN A 51 -9.28 -9.71 -4.06
C GLN A 51 -10.52 -8.97 -3.57
N ALA A 52 -11.63 -9.10 -4.32
CA ALA A 52 -12.91 -8.52 -3.98
C ALA A 52 -13.84 -9.66 -3.60
N GLU A 53 -14.38 -9.65 -2.39
CA GLU A 53 -15.32 -10.62 -1.88
C GLU A 53 -16.38 -9.79 -1.14
N ALA A 1 6.68 7.16 5.65
CA ALA A 1 6.88 6.73 7.05
C ALA A 1 7.21 7.95 7.90
N VAL A 2 8.47 8.13 8.32
CA VAL A 2 8.89 9.40 8.92
C VAL A 2 8.76 10.46 7.81
N ASP A 3 9.13 10.05 6.59
CA ASP A 3 8.96 10.77 5.35
C ASP A 3 7.52 10.54 4.86
N LEU A 4 7.20 11.07 3.68
CA LEU A 4 5.89 10.88 3.07
C LEU A 4 5.60 9.40 2.79
N ASP A 5 4.43 9.12 2.22
CA ASP A 5 4.01 7.75 1.92
C ASP A 5 4.84 7.18 0.77
N GLU A 6 5.82 6.34 1.10
CA GLU A 6 6.68 5.68 0.12
C GLU A 6 5.83 4.91 -0.90
N CYS A 7 4.74 4.30 -0.46
CA CYS A 7 3.86 3.53 -1.34
C CYS A 7 3.17 4.42 -2.38
N ALA A 8 2.94 5.70 -2.06
CA ALA A 8 2.36 6.63 -3.00
C ALA A 8 3.45 7.16 -3.91
N SER A 9 4.59 7.51 -3.31
CA SER A 9 5.76 8.02 -4.02
C SER A 9 6.22 7.03 -5.09
N ARG A 10 6.45 5.79 -4.69
CA ARG A 10 6.92 4.72 -5.57
C ARG A 10 5.73 4.13 -6.32
N SER A 11 5.01 4.98 -7.05
CA SER A 11 3.84 4.63 -7.84
C SER A 11 4.23 3.83 -9.08
N LYS A 12 5.45 4.04 -9.57
CA LYS A 12 5.98 3.42 -10.78
C LYS A 12 5.04 3.70 -11.96
N SER A 13 4.44 4.90 -11.99
CA SER A 13 3.46 5.27 -13.00
C SER A 13 3.30 6.79 -13.06
N GLY A 14 2.51 7.32 -12.13
CA GLY A 14 2.20 8.74 -12.03
C GLY A 14 1.90 9.15 -10.59
N GLU A 15 1.24 10.30 -10.40
CA GLU A 15 0.91 10.82 -9.08
C GLU A 15 -0.25 10.03 -8.45
N GLU A 16 -0.03 8.75 -8.16
CA GLU A 16 -1.04 7.89 -7.58
C GLU A 16 -1.24 8.20 -6.09
N ASP A 17 -1.85 9.35 -5.80
CA ASP A 17 -2.29 9.66 -4.45
C ASP A 17 -3.41 8.67 -4.13
N PRO A 18 -4.52 8.65 -4.89
CA PRO A 18 -5.48 7.57 -4.79
C PRO A 18 -4.81 6.33 -5.43
N GLN A 19 -5.34 5.14 -5.14
CA GLN A 19 -4.82 3.85 -5.62
C GLN A 19 -3.30 3.83 -5.83
N PRO A 20 -2.51 3.92 -4.74
CA PRO A 20 -1.06 3.95 -4.78
C PRO A 20 -0.48 2.57 -5.15
N GLN A 21 0.80 2.32 -4.83
CA GLN A 21 1.46 1.05 -5.13
C GLN A 21 0.62 -0.15 -4.66
N CYS A 22 -0.06 -0.01 -3.52
CA CYS A 22 -1.00 -1.00 -3.01
C CYS A 22 -2.41 -0.54 -3.40
N GLN A 23 -3.29 -1.47 -3.77
CA GLN A 23 -4.61 -1.18 -4.28
C GLN A 23 -5.37 -0.07 -3.53
N HIS A 24 -5.50 -0.17 -2.20
CA HIS A 24 -6.28 0.78 -1.41
C HIS A 24 -5.40 1.65 -0.51
N LEU A 25 -4.92 1.12 0.63
CA LEU A 25 -4.18 1.93 1.61
C LEU A 25 -2.91 1.24 2.12
N CYS A 26 -2.02 2.05 2.70
CA CYS A 26 -0.68 1.69 3.13
C CYS A 26 -0.41 2.19 4.55
N HIS A 27 -0.54 1.33 5.55
CA HIS A 27 -0.25 1.72 6.92
C HIS A 27 1.24 2.04 6.98
N ASN A 28 1.57 3.30 7.22
CA ASN A 28 2.94 3.78 7.24
C ASN A 28 3.51 3.62 8.66
N TYR A 29 4.75 3.16 8.78
CA TYR A 29 5.38 2.87 10.07
C TYR A 29 6.89 2.68 9.92
N VAL A 30 7.57 2.32 11.01
CA VAL A 30 8.98 2.01 11.00
C VAL A 30 9.13 0.72 10.19
N GLY A 31 10.10 0.71 9.29
CA GLY A 31 10.23 -0.36 8.31
C GLY A 31 9.57 0.05 6.99
N GLY A 32 8.86 1.20 6.97
CA GLY A 32 8.27 1.73 5.75
C GLY A 32 6.76 1.73 5.81
N TYR A 33 6.15 0.67 5.27
CA TYR A 33 4.71 0.56 5.23
C TYR A 33 4.25 -0.88 5.02
N PHE A 34 3.11 -1.23 5.63
CA PHE A 34 2.44 -2.50 5.49
C PHE A 34 1.04 -2.17 4.96
N CYS A 35 0.57 -2.88 3.93
CA CYS A 35 -0.70 -2.56 3.30
C CYS A 35 -1.85 -3.37 3.85
N SER A 36 -3.06 -2.97 3.45
CA SER A 36 -4.33 -3.56 3.80
C SER A 36 -5.34 -2.99 2.80
N CYS A 37 -6.59 -3.41 2.89
CA CYS A 37 -7.65 -2.93 2.02
C CYS A 37 -8.93 -2.69 2.79
N ARG A 38 -9.90 -2.11 2.10
CA ARG A 38 -11.24 -1.86 2.62
C ARG A 38 -11.82 -3.16 3.20
N PRO A 39 -12.75 -3.09 4.17
CA PRO A 39 -13.35 -4.30 4.69
C PRO A 39 -14.00 -5.09 3.55
N GLY A 40 -13.98 -6.41 3.67
CA GLY A 40 -14.49 -7.30 2.64
C GLY A 40 -13.56 -7.39 1.43
N TYR A 41 -12.25 -7.14 1.60
CA TYR A 41 -11.25 -7.33 0.57
C TYR A 41 -10.06 -8.07 1.14
N GLU A 42 -9.60 -9.12 0.45
CA GLU A 42 -8.41 -9.85 0.81
C GLU A 42 -7.27 -9.18 0.05
N LEU A 43 -6.15 -8.96 0.74
CA LEU A 43 -4.90 -8.40 0.22
C LEU A 43 -4.05 -9.64 -0.11
N GLN A 44 -3.73 -9.84 -1.39
CA GLN A 44 -3.02 -11.05 -1.85
C GLN A 44 -1.56 -11.07 -1.39
N GLU A 45 -0.97 -12.27 -1.44
CA GLU A 45 0.40 -12.56 -1.05
C GLU A 45 1.47 -11.75 -1.81
N ASP A 46 1.08 -11.01 -2.86
CA ASP A 46 2.00 -10.13 -3.58
C ASP A 46 2.31 -8.92 -2.70
N ARG A 47 1.37 -8.62 -1.79
CA ARG A 47 1.41 -7.58 -0.78
C ARG A 47 1.02 -6.20 -1.31
N HIS A 48 0.21 -6.19 -2.38
CA HIS A 48 -0.23 -4.97 -3.04
C HIS A 48 -1.62 -5.10 -3.63
N SER A 49 -1.90 -6.22 -4.28
CA SER A 49 -3.16 -6.44 -4.97
C SER A 49 -4.26 -6.87 -4.00
N CYS A 50 -5.50 -6.42 -4.25
CA CYS A 50 -6.66 -6.80 -3.46
C CYS A 50 -7.78 -7.36 -4.34
N GLN A 51 -8.57 -8.25 -3.75
CA GLN A 51 -9.78 -8.81 -4.36
C GLN A 51 -10.87 -8.76 -3.30
N ALA A 52 -12.13 -8.82 -3.73
CA ALA A 52 -13.29 -8.74 -2.85
C ALA A 52 -13.55 -10.10 -2.21
N GLU A 53 -13.45 -10.19 -0.88
CA GLU A 53 -13.67 -11.39 -0.10
C GLU A 53 -14.10 -10.97 1.30
N ALA A 1 -0.03 14.89 12.49
CA ALA A 1 0.51 15.93 11.61
C ALA A 1 1.07 15.25 10.36
N VAL A 2 1.82 15.94 9.51
CA VAL A 2 2.42 15.32 8.34
C VAL A 2 3.43 14.25 8.79
N ASP A 3 3.72 13.29 7.94
CA ASP A 3 4.65 12.20 8.18
C ASP A 3 4.99 11.59 6.82
N LEU A 4 6.08 10.82 6.75
CA LEU A 4 6.50 10.16 5.52
C LEU A 4 5.60 8.93 5.33
N ASP A 5 4.32 9.15 5.03
CA ASP A 5 3.37 8.09 4.82
C ASP A 5 3.60 7.49 3.43
N GLU A 6 4.70 6.74 3.31
CA GLU A 6 5.08 6.00 2.13
C GLU A 6 3.91 5.14 1.74
N CYS A 7 3.71 5.00 0.43
CA CYS A 7 2.68 4.20 -0.21
C CYS A 7 1.34 4.93 -0.16
N ALA A 8 0.98 5.40 1.04
CA ALA A 8 -0.21 6.18 1.28
C ALA A 8 -0.21 7.43 0.40
N SER A 9 0.66 8.40 0.73
CA SER A 9 0.79 9.68 0.05
C SER A 9 0.81 9.50 -1.47
N ARG A 10 1.66 8.56 -1.90
CA ARG A 10 1.92 8.21 -3.29
C ARG A 10 0.64 8.01 -4.13
N SER A 11 -0.52 7.76 -3.49
CA SER A 11 -1.83 7.82 -4.13
C SER A 11 -2.86 8.14 -3.05
N LYS A 12 -2.66 9.28 -2.37
CA LYS A 12 -3.50 9.84 -1.32
C LYS A 12 -3.51 8.93 -0.08
N SER A 13 -4.27 7.85 -0.17
CA SER A 13 -4.41 6.83 0.86
C SER A 13 -3.68 5.54 0.46
N GLY A 14 -3.36 5.41 -0.82
CA GLY A 14 -2.71 4.26 -1.44
C GLY A 14 -3.63 3.62 -2.48
N GLU A 15 -4.36 4.45 -3.24
CA GLU A 15 -5.28 3.99 -4.26
C GLU A 15 -4.51 3.51 -5.50
N GLU A 16 -4.99 2.46 -6.16
CA GLU A 16 -4.36 1.84 -7.32
C GLU A 16 -3.80 2.88 -8.29
N ASP A 17 -2.55 2.67 -8.68
CA ASP A 17 -1.78 3.52 -9.56
C ASP A 17 -0.54 2.67 -9.85
N PRO A 18 -0.08 2.56 -11.10
CA PRO A 18 0.98 1.63 -11.43
C PRO A 18 2.36 2.09 -10.93
N GLN A 19 2.65 1.75 -9.67
CA GLN A 19 3.87 2.02 -8.94
C GLN A 19 3.94 0.96 -7.82
N PRO A 20 5.09 0.75 -7.16
CA PRO A 20 5.21 -0.20 -6.05
C PRO A 20 4.41 0.30 -4.85
N GLN A 21 3.09 0.15 -4.95
CA GLN A 21 2.08 0.65 -4.04
C GLN A 21 0.88 -0.29 -4.08
N CYS A 22 0.01 -0.20 -3.09
CA CYS A 22 -1.17 -1.04 -2.98
C CYS A 22 -2.33 -0.52 -3.85
N GLN A 23 -3.35 -1.38 -4.00
CA GLN A 23 -4.52 -1.17 -4.79
C GLN A 23 -5.56 -0.27 -4.09
N HIS A 24 -5.74 -0.42 -2.77
CA HIS A 24 -6.74 0.33 -2.00
C HIS A 24 -6.13 1.41 -1.13
N LEU A 25 -5.40 0.99 -0.10
CA LEU A 25 -4.83 1.90 0.87
C LEU A 25 -3.60 1.26 1.50
N CYS A 26 -2.78 2.09 2.16
CA CYS A 26 -1.57 1.66 2.85
C CYS A 26 -1.58 2.20 4.27
N HIS A 27 -0.64 1.73 5.07
CA HIS A 27 -0.38 2.06 6.46
C HIS A 27 1.13 2.15 6.61
N ASN A 28 1.63 2.70 7.72
CA ASN A 28 3.06 2.89 7.92
C ASN A 28 3.51 2.46 9.31
N TYR A 29 4.81 2.22 9.40
CA TYR A 29 5.56 1.74 10.55
C TYR A 29 7.04 1.76 10.15
N VAL A 30 7.92 1.25 11.01
CA VAL A 30 9.34 1.23 10.78
C VAL A 30 9.74 0.56 9.46
N GLY A 31 9.03 -0.51 9.09
CA GLY A 31 9.29 -1.22 7.84
C GLY A 31 8.71 -0.48 6.63
N GLY A 32 8.83 0.85 6.59
CA GLY A 32 8.35 1.67 5.48
C GLY A 32 6.83 1.75 5.45
N TYR A 33 6.20 0.68 4.96
CA TYR A 33 4.75 0.61 4.82
C TYR A 33 4.23 -0.82 4.76
N PHE A 34 2.92 -0.94 4.99
CA PHE A 34 2.15 -2.16 4.83
C PHE A 34 0.76 -1.71 4.35
N CYS A 35 -0.19 -2.63 4.18
CA CYS A 35 -1.53 -2.34 3.68
C CYS A 35 -2.48 -3.35 4.29
N SER A 36 -3.79 -3.16 4.10
CA SER A 36 -4.80 -4.08 4.59
C SER A 36 -5.78 -4.42 3.49
N CYS A 37 -6.30 -3.30 3.02
CA CYS A 37 -7.32 -3.04 2.01
C CYS A 37 -8.60 -2.63 2.73
N ARG A 38 -9.63 -2.25 1.97
CA ARG A 38 -10.92 -1.87 2.53
C ARG A 38 -11.67 -3.12 2.99
N PRO A 39 -12.62 -3.02 3.93
CA PRO A 39 -13.38 -4.17 4.38
C PRO A 39 -14.10 -4.84 3.21
N GLY A 40 -14.29 -6.15 3.34
CA GLY A 40 -14.84 -6.98 2.28
C GLY A 40 -13.78 -7.31 1.23
N TYR A 41 -12.55 -6.82 1.41
CA TYR A 41 -11.40 -7.09 0.58
C TYR A 41 -10.21 -7.30 1.49
N GLU A 42 -9.16 -7.92 0.95
CA GLU A 42 -7.96 -8.23 1.70
C GLU A 42 -6.77 -8.20 0.75
N LEU A 43 -5.64 -7.73 1.26
CA LEU A 43 -4.39 -7.70 0.53
C LEU A 43 -3.95 -9.13 0.21
N GLN A 44 -3.20 -9.30 -0.87
CA GLN A 44 -2.73 -10.59 -1.34
C GLN A 44 -1.23 -10.75 -1.11
N GLU A 45 -0.69 -11.94 -1.41
CA GLU A 45 0.70 -12.31 -1.20
C GLU A 45 1.71 -11.38 -1.87
N ASP A 46 1.31 -10.70 -2.94
CA ASP A 46 2.18 -9.75 -3.64
C ASP A 46 2.39 -8.48 -2.80
N ARG A 47 1.54 -8.29 -1.79
CA ARG A 47 1.59 -7.19 -0.83
C ARG A 47 1.18 -5.86 -1.42
N HIS A 48 0.41 -5.89 -2.51
CA HIS A 48 -0.07 -4.69 -3.16
C HIS A 48 -1.50 -4.87 -3.65
N SER A 49 -1.76 -6.00 -4.31
CA SER A 49 -3.06 -6.26 -4.87
C SER A 49 -4.05 -6.66 -3.77
N CYS A 50 -5.28 -6.17 -3.87
CA CYS A 50 -6.38 -6.57 -2.99
C CYS A 50 -7.34 -7.43 -3.79
N GLN A 51 -7.97 -8.41 -3.13
CA GLN A 51 -9.05 -9.21 -3.71
C GLN A 51 -10.20 -9.19 -2.70
N ALA A 52 -11.39 -9.58 -3.15
CA ALA A 52 -12.60 -9.58 -2.35
C ALA A 52 -12.59 -10.79 -1.41
N GLU A 53 -12.71 -10.55 -0.10
CA GLU A 53 -12.71 -11.58 0.93
C GLU A 53 -13.46 -11.00 2.13
N ALA A 1 12.32 9.25 3.82
CA ALA A 1 12.51 10.47 4.61
C ALA A 1 12.00 10.16 6.01
N VAL A 2 11.41 11.12 6.73
CA VAL A 2 10.75 10.82 8.00
C VAL A 2 9.65 9.79 7.70
N ASP A 3 9.21 9.02 8.70
CA ASP A 3 8.20 7.98 8.49
C ASP A 3 6.78 8.56 8.32
N LEU A 4 6.61 9.50 7.40
CA LEU A 4 5.31 10.03 7.02
C LEU A 4 4.67 9.04 6.05
N ASP A 5 3.47 9.32 5.53
CA ASP A 5 2.82 8.40 4.62
C ASP A 5 3.48 8.44 3.23
N GLU A 6 4.67 7.84 3.14
CA GLU A 6 5.44 7.71 1.92
C GLU A 6 4.54 7.11 0.83
N CYS A 7 3.80 6.05 1.20
CA CYS A 7 2.85 5.38 0.33
C CYS A 7 1.91 6.38 -0.33
N ALA A 8 1.18 7.15 0.48
CA ALA A 8 0.28 8.18 0.00
C ALA A 8 1.04 9.14 -0.89
N SER A 9 2.21 9.60 -0.42
CA SER A 9 3.04 10.53 -1.16
C SER A 9 3.38 10.01 -2.56
N ARG A 10 3.67 8.72 -2.73
CA ARG A 10 3.94 8.17 -4.06
C ARG A 10 2.73 8.36 -4.96
N SER A 11 1.55 7.97 -4.50
CA SER A 11 0.31 8.11 -5.25
C SER A 11 -0.10 9.58 -5.36
N LYS A 12 0.51 10.32 -6.30
CA LYS A 12 0.29 11.72 -6.63
C LYS A 12 1.27 12.58 -5.82
N SER A 13 2.55 12.47 -6.16
CA SER A 13 3.66 13.19 -5.54
C SER A 13 3.66 14.65 -5.98
N GLY A 14 2.60 15.40 -5.65
CA GLY A 14 2.46 16.79 -6.06
C GLY A 14 2.04 16.85 -7.52
N GLU A 15 2.86 16.27 -8.41
CA GLU A 15 2.56 16.15 -9.82
C GLU A 15 1.42 15.15 -10.01
N GLU A 16 0.81 15.14 -11.20
CA GLU A 16 -0.29 14.25 -11.52
C GLU A 16 0.25 12.84 -11.82
N ASP A 17 0.85 12.19 -10.82
CA ASP A 17 1.39 10.84 -10.91
C ASP A 17 0.77 9.93 -9.84
N PRO A 18 -0.53 9.60 -9.96
CA PRO A 18 -1.22 8.72 -9.02
C PRO A 18 -0.82 7.27 -9.29
N GLN A 19 0.46 6.96 -9.09
CA GLN A 19 1.02 5.64 -9.34
C GLN A 19 0.37 4.61 -8.39
N PRO A 20 0.13 3.37 -8.87
CA PRO A 20 -0.49 2.32 -8.08
C PRO A 20 0.49 1.77 -7.04
N GLN A 21 0.73 2.55 -5.98
CA GLN A 21 1.58 2.17 -4.87
C GLN A 21 1.11 0.83 -4.29
N CYS A 22 -0.20 0.72 -4.08
CA CYS A 22 -0.92 -0.45 -3.60
C CYS A 22 -2.35 -0.23 -4.08
N GLN A 23 -3.11 -1.31 -4.26
CA GLN A 23 -4.46 -1.25 -4.79
C GLN A 23 -5.40 -0.34 -3.98
N HIS A 24 -5.43 -0.53 -2.65
CA HIS A 24 -6.35 0.19 -1.77
C HIS A 24 -5.64 1.21 -0.90
N LEU A 25 -5.11 0.85 0.28
CA LEU A 25 -4.48 1.84 1.16
C LEU A 25 -3.31 1.26 1.96
N CYS A 26 -2.64 2.11 2.76
CA CYS A 26 -1.49 1.72 3.58
C CYS A 26 -1.50 2.40 4.94
N HIS A 27 -0.64 1.91 5.83
CA HIS A 27 -0.39 2.43 7.16
C HIS A 27 1.13 2.44 7.33
N ASN A 28 1.69 3.40 8.08
CA ASN A 28 3.14 3.42 8.29
C ASN A 28 3.56 2.46 9.39
N TYR A 29 4.87 2.21 9.45
CA TYR A 29 5.57 1.42 10.46
C TYR A 29 7.07 1.47 10.15
N VAL A 30 7.88 0.73 10.92
CA VAL A 30 9.32 0.69 10.77
C VAL A 30 9.75 0.37 9.35
N GLY A 31 9.08 -0.57 8.70
CA GLY A 31 9.35 -0.95 7.32
C GLY A 31 8.69 0.03 6.35
N GLY A 32 8.67 1.33 6.68
CA GLY A 32 8.07 2.35 5.86
C GLY A 32 6.55 2.31 5.97
N TYR A 33 5.95 1.33 5.31
CA TYR A 33 4.51 1.16 5.29
C TYR A 33 4.07 -0.25 4.94
N PHE A 34 2.97 -0.69 5.57
CA PHE A 34 2.32 -1.95 5.29
C PHE A 34 0.98 -1.59 4.67
N CYS A 35 0.64 -2.24 3.55
CA CYS A 35 -0.62 -2.00 2.87
C CYS A 35 -1.76 -2.74 3.55
N SER A 36 -2.98 -2.45 3.12
CA SER A 36 -4.22 -3.06 3.58
C SER A 36 -5.30 -2.74 2.53
N CYS A 37 -6.50 -3.24 2.79
CA CYS A 37 -7.62 -3.12 1.88
C CYS A 37 -8.86 -2.63 2.63
N ARG A 38 -9.85 -2.14 1.89
CA ARG A 38 -11.13 -1.75 2.49
C ARG A 38 -11.81 -3.02 3.03
N PRO A 39 -12.79 -2.89 3.95
CA PRO A 39 -13.48 -4.06 4.47
C PRO A 39 -14.10 -4.88 3.34
N GLY A 40 -14.20 -6.18 3.54
CA GLY A 40 -14.72 -7.11 2.55
C GLY A 40 -13.68 -7.48 1.48
N TYR A 41 -12.46 -6.92 1.55
CA TYR A 41 -11.35 -7.22 0.67
C TYR A 41 -10.13 -7.57 1.50
N GLU A 42 -9.16 -8.27 0.89
CA GLU A 42 -7.98 -8.76 1.57
C GLU A 42 -6.80 -8.69 0.61
N LEU A 43 -5.60 -8.48 1.16
CA LEU A 43 -4.39 -8.44 0.35
C LEU A 43 -4.04 -9.86 -0.09
N GLN A 44 -3.56 -9.97 -1.32
CA GLN A 44 -3.14 -11.24 -1.88
C GLN A 44 -1.66 -11.48 -1.55
N GLU A 45 -1.14 -12.64 -1.96
CA GLU A 45 0.24 -13.07 -1.73
C GLU A 45 1.21 -12.30 -2.63
N ASP A 46 1.29 -11.00 -2.34
CA ASP A 46 2.09 -9.96 -2.97
C ASP A 46 2.04 -8.65 -2.18
N ARG A 47 1.07 -8.49 -1.27
CA ARG A 47 0.83 -7.31 -0.44
C ARG A 47 0.80 -5.98 -1.21
N HIS A 48 0.34 -6.06 -2.46
CA HIS A 48 0.18 -4.93 -3.35
C HIS A 48 -1.26 -4.89 -3.85
N SER A 49 -1.77 -6.07 -4.21
CA SER A 49 -3.09 -6.26 -4.80
C SER A 49 -4.07 -6.81 -3.79
N CYS A 50 -5.32 -6.30 -3.83
CA CYS A 50 -6.41 -6.78 -2.99
C CYS A 50 -7.42 -7.51 -3.86
N GLN A 51 -8.12 -8.48 -3.29
CA GLN A 51 -9.28 -9.11 -3.91
C GLN A 51 -10.35 -9.24 -2.84
N ALA A 52 -11.57 -9.63 -3.22
CA ALA A 52 -12.69 -9.77 -2.31
C ALA A 52 -12.69 -11.13 -1.63
N GLU A 53 -11.49 -11.51 -1.20
CA GLU A 53 -11.10 -12.75 -0.58
C GLU A 53 -9.58 -12.68 -0.38
N ALA A 1 10.47 5.02 -5.74
CA ALA A 1 10.89 6.18 -6.52
C ALA A 1 11.96 6.96 -5.77
N VAL A 2 12.59 7.95 -6.41
CA VAL A 2 13.59 8.81 -5.77
C VAL A 2 12.93 9.82 -4.84
N ASP A 3 12.13 9.33 -3.89
CA ASP A 3 11.36 10.09 -2.92
C ASP A 3 10.81 9.10 -1.90
N LEU A 4 10.56 9.59 -0.68
CA LEU A 4 10.02 8.80 0.42
C LEU A 4 8.59 9.31 0.66
N ASP A 5 8.09 9.20 1.89
CA ASP A 5 6.75 9.66 2.30
C ASP A 5 5.64 9.25 1.35
N GLU A 6 5.76 8.03 0.84
CA GLU A 6 4.69 7.38 0.08
C GLU A 6 3.72 6.94 1.16
N CYS A 7 4.31 6.17 2.09
CA CYS A 7 3.71 5.62 3.28
C CYS A 7 4.86 5.62 4.31
N ALA A 8 5.46 6.80 4.49
CA ALA A 8 6.61 7.13 5.33
C ALA A 8 7.92 6.65 4.69
N SER A 9 8.38 5.45 5.04
CA SER A 9 9.68 4.98 4.57
C SER A 9 9.71 4.75 3.07
N ARG A 10 8.68 4.07 2.55
CA ARG A 10 8.58 3.62 1.16
C ARG A 10 9.61 2.51 0.89
N SER A 11 10.90 2.82 0.99
CA SER A 11 12.02 1.90 0.81
C SER A 11 12.26 1.49 -0.66
N LYS A 12 11.19 1.30 -1.44
CA LYS A 12 11.24 0.96 -2.85
C LYS A 12 11.82 2.13 -3.68
N SER A 13 13.14 2.32 -3.58
CA SER A 13 13.89 3.38 -4.22
C SER A 13 13.73 3.36 -5.74
N GLY A 14 14.49 2.48 -6.39
CA GLY A 14 14.59 2.31 -7.84
C GLY A 14 13.24 2.26 -8.58
N GLU A 15 12.20 1.76 -7.92
CA GLU A 15 10.87 1.64 -8.48
C GLU A 15 10.26 3.04 -8.68
N GLU A 16 10.56 3.69 -9.81
CA GLU A 16 10.09 5.03 -10.16
C GLU A 16 8.59 5.08 -10.45
N ASP A 17 7.78 4.88 -9.41
CA ASP A 17 6.33 4.95 -9.42
C ASP A 17 5.89 5.65 -8.13
N PRO A 18 6.02 6.99 -8.04
CA PRO A 18 5.63 7.76 -6.87
C PRO A 18 4.11 7.81 -6.75
N GLN A 19 3.51 6.68 -6.40
CA GLN A 19 2.09 6.45 -6.21
C GLN A 19 1.93 5.54 -4.99
N PRO A 20 0.76 5.53 -4.32
CA PRO A 20 0.51 4.63 -3.22
C PRO A 20 0.69 3.19 -3.74
N GLN A 21 1.63 2.45 -3.16
CA GLN A 21 1.98 1.12 -3.59
C GLN A 21 0.81 0.14 -3.34
N CYS A 22 0.20 0.23 -2.16
CA CYS A 22 -0.94 -0.59 -1.78
C CYS A 22 -2.11 -0.24 -2.69
N GLN A 23 -2.88 -1.23 -3.18
CA GLN A 23 -3.97 -0.99 -4.06
C GLN A 23 -5.02 -0.08 -3.38
N HIS A 24 -5.32 -0.35 -2.11
CA HIS A 24 -6.30 0.42 -1.35
C HIS A 24 -5.59 1.39 -0.42
N LEU A 25 -5.08 0.91 0.73
CA LEU A 25 -4.44 1.82 1.68
C LEU A 25 -3.27 1.17 2.42
N CYS A 26 -2.41 2.03 2.97
CA CYS A 26 -1.22 1.69 3.73
C CYS A 26 -1.44 2.03 5.20
N HIS A 27 -0.56 1.48 6.02
CA HIS A 27 -0.29 1.85 7.38
C HIS A 27 1.20 2.15 7.33
N ASN A 28 1.58 3.37 7.67
CA ASN A 28 2.98 3.77 7.61
C ASN A 28 3.72 3.22 8.82
N TYR A 29 5.03 3.08 8.70
CA TYR A 29 5.93 2.66 9.76
C TYR A 29 7.38 2.80 9.27
N VAL A 30 8.34 2.53 10.15
CA VAL A 30 9.74 2.61 9.84
C VAL A 30 10.19 1.39 9.05
N GLY A 31 11.04 1.59 8.04
CA GLY A 31 11.60 0.51 7.24
C GLY A 31 10.71 0.15 6.06
N GLY A 32 9.46 0.62 6.03
CA GLY A 32 8.57 0.34 4.90
C GLY A 32 7.19 0.94 5.17
N TYR A 33 6.17 0.09 5.06
CA TYR A 33 4.76 0.33 5.30
C TYR A 33 4.10 -1.04 5.22
N PHE A 34 2.86 -1.18 5.68
CA PHE A 34 2.13 -2.43 5.54
C PHE A 34 0.72 -2.07 5.05
N CYS A 35 0.21 -2.84 4.09
CA CYS A 35 -1.06 -2.56 3.45
C CYS A 35 -2.25 -3.10 4.24
N SER A 36 -3.44 -2.66 3.82
CA SER A 36 -4.75 -3.11 4.24
C SER A 36 -5.71 -2.65 3.16
N CYS A 37 -6.98 -3.07 3.26
CA CYS A 37 -7.96 -2.86 2.20
C CYS A 37 -9.34 -2.64 2.78
N ARG A 38 -10.27 -2.22 1.91
CA ARG A 38 -11.66 -2.04 2.26
C ARG A 38 -12.23 -3.39 2.74
N PRO A 39 -13.20 -3.41 3.67
CA PRO A 39 -13.80 -4.67 4.09
C PRO A 39 -14.37 -5.38 2.87
N GLY A 40 -14.37 -6.71 2.91
CA GLY A 40 -14.80 -7.53 1.79
C GLY A 40 -13.74 -7.65 0.70
N TYR A 41 -12.50 -7.21 0.98
CA TYR A 41 -11.36 -7.36 0.11
C TYR A 41 -10.19 -7.91 0.91
N GLU A 42 -9.40 -8.78 0.29
CA GLU A 42 -8.24 -9.39 0.89
C GLU A 42 -7.06 -9.27 -0.07
N LEU A 43 -5.87 -9.08 0.49
CA LEU A 43 -4.65 -8.98 -0.30
C LEU A 43 -4.34 -10.32 -0.92
N GLN A 44 -3.76 -10.24 -2.11
CA GLN A 44 -3.25 -11.35 -2.88
C GLN A 44 -1.75 -11.19 -2.82
N GLU A 45 -0.99 -12.25 -2.58
CA GLU A 45 0.45 -12.19 -2.38
C GLU A 45 0.82 -11.51 -1.05
N ASP A 46 -0.12 -10.77 -0.46
CA ASP A 46 -0.01 -10.01 0.78
C ASP A 46 0.79 -8.74 0.51
N ARG A 47 1.28 -8.59 -0.72
CA ARG A 47 2.14 -7.47 -1.03
C ARG A 47 1.40 -6.13 -1.15
N HIS A 48 0.36 -6.06 -1.99
CA HIS A 48 -0.29 -4.79 -2.36
C HIS A 48 -1.67 -4.97 -3.00
N SER A 49 -1.76 -5.87 -3.98
CA SER A 49 -2.95 -6.10 -4.78
C SER A 49 -4.08 -6.79 -4.00
N CYS A 50 -5.23 -6.12 -3.85
CA CYS A 50 -6.42 -6.70 -3.25
C CYS A 50 -7.41 -7.21 -4.30
N GLN A 51 -8.20 -8.20 -3.92
CA GLN A 51 -9.33 -8.72 -4.66
C GLN A 51 -10.45 -8.87 -3.65
N ALA A 52 -11.68 -9.06 -4.14
CA ALA A 52 -12.88 -9.13 -3.31
C ALA A 52 -13.00 -10.53 -2.69
N GLU A 53 -13.02 -10.60 -1.36
CA GLU A 53 -13.14 -11.83 -0.58
C GLU A 53 -13.69 -11.42 0.78
#